data_7UE9
#
_entry.id   7UE9
#
_cell.length_a   73.372
_cell.length_b   62.229
_cell.length_c   85.547
_cell.angle_alpha   90.000
_cell.angle_beta   108.030
_cell.angle_gamma   90.000
#
_symmetry.space_group_name_H-M   'P 1 21 1'
#
loop_
_entity.id
_entity.type
_entity.pdbx_description
1 polymer 'Fab light chain'
2 polymer 'Fab heavy chain'
3 polymer 'Complement C3dg fragment'
4 non-polymer GLYCEROL
5 water water
#
loop_
_entity_poly.entity_id
_entity_poly.type
_entity_poly.pdbx_seq_one_letter_code
_entity_poly.pdbx_strand_id
1 'polypeptide(L)'
;MDMRVPAQLLGLLLLWLRGARCDVVMTQSPLSLPVTLGQPASISCKSSQSLLDSDGKTYLNWFQQRPGQSPRRLIYLVSK
LDSGVPDRFSGSGSGTDFTLKISRVEAEDVGVYYCWQGTHFPRTFGGGTKVEIKRTVAAPSVFIFPPSDEQLKSGTASVV
CLLNNFYPREAKVQWKVDNALQSGNSQESVTEQDSKDSTYSLSSTLTLSKADYEKHKVYACEVTHQGLSSPVTKSFNRGE
C
;
L
2 'polypeptide(L)'
;MGSTAILGLLLAVLQGVCA(PCA)VQLVQSGAEVKKPGASVKVSCKASGYTFTNYYINWVRQAPGQGLEWMGVINPYSGG
TSYNQKFKGRVTMTVDTSTSTAYMELSSLRSEDTAVYFCSSPYWGQGTLVTVSSASTKGPSVFPLAPCSRSTSESTAALG
CLVKDYFPEPVTVSWNSGALTSGVHTFPAVLQSSGLYSLSSVVTVPSSSLGTKTYTCNVDHKPSNTKVDKRVESKYGPPC
PPCPAPEFEGGPSVFLFPPKPKDTLMISRTPEVTCVVVDVSQEDPEVQFNWYVDGVEVHNAKTKPREEQFNSTYRVVSVL
TVLHQDWLNGKEYKCKVSNKGLPSSIEKTISKAKGQPREPQVYTLPPSQEEMTKNQVSLTCLVKGFYPSDIAVEWESNGQ
PENNYKTTPPVLDSDGSFFLYSRLTVDKSRWQEGNVFSCSVLHEALHSHYTQKSLSLSLG
;
H
3 'polypeptide(L)'
;GAVDAERLKHLIVTPSGAGEQNMIGMTPTVIAVHYLDETEQWEKFGLEKRQGALELIKKGYTQQLAFRQPSSAFAAFVKR
APSTWLTAYVVKVFSLAVNLIAIDSQVLCGAVKWLILEKQKPDGVFQEDAPVIHQEMIGGLRNNNEKDMALTAFVLISLQ
EAKDICEEQVNSLPGSITKAGDFLEANYMNLQRSYTVAIAGYALAQMGRLKGPLLNKFLTTAKDKNRWEDPGKQLYNVEA
TSYALLALLQLKDFDFVPPVVRWLNEQRYYGGGYGSTQATFMVFQALAQYQKDAPDHQELNLDVSLQLPSR
;
C
#
# COMPACT_ATOMS: atom_id res chain seq x y z
N ASP A 23 15.32 3.82 -22.11
CA ASP A 23 14.50 3.37 -20.96
C ASP A 23 14.02 4.60 -20.21
N VAL A 24 12.89 4.47 -19.51
CA VAL A 24 12.32 5.59 -18.76
C VAL A 24 13.12 5.83 -17.49
N VAL A 25 13.52 7.07 -17.31
CA VAL A 25 14.30 7.49 -16.12
C VAL A 25 13.36 8.11 -15.11
N MET A 26 13.44 7.61 -13.86
CA MET A 26 12.63 8.11 -12.75
C MET A 26 13.58 8.88 -11.83
N THR A 27 13.30 10.16 -11.60
CA THR A 27 14.13 11.08 -10.80
C THR A 27 13.35 11.56 -9.58
N GLN A 28 13.89 11.26 -8.41
CA GLN A 28 13.27 11.65 -7.13
C GLN A 28 14.02 12.83 -6.55
N SER A 29 13.27 13.68 -5.85
CA SER A 29 13.80 14.86 -5.14
C SER A 29 12.98 15.13 -3.89
N PRO A 30 13.60 15.49 -2.74
CA PRO A 30 15.06 15.55 -2.57
C PRO A 30 15.68 14.15 -2.38
N LEU A 31 17.01 14.08 -2.25
CA LEU A 31 17.70 12.82 -1.89
C LEU A 31 17.41 12.45 -0.43
N SER A 32 17.50 13.41 0.49
CA SER A 32 17.13 13.19 1.92
CA SER A 32 17.17 13.21 1.94
C SER A 32 16.17 14.28 2.38
N LEU A 33 15.19 13.88 3.18
CA LEU A 33 14.14 14.76 3.67
C LEU A 33 14.05 14.58 5.18
N PRO A 34 14.67 15.49 5.93
CA PRO A 34 14.55 15.51 7.40
C PRO A 34 13.17 16.04 7.76
N VAL A 35 12.44 15.29 8.58
CA VAL A 35 11.03 15.61 8.94
C VAL A 35 10.93 15.77 10.46
N THR A 36 9.90 16.53 10.88
CA THR A 36 9.51 16.72 12.30
C THR A 36 8.21 15.96 12.50
N LEU A 37 8.17 15.12 13.54
CA LEU A 37 6.92 14.41 13.90
C LEU A 37 5.82 15.46 13.96
N GLY A 38 4.66 15.16 13.35
CA GLY A 38 3.47 16.03 13.38
C GLY A 38 3.45 17.02 12.23
N GLN A 39 4.52 17.15 11.46
CA GLN A 39 4.65 18.16 10.38
C GLN A 39 4.45 17.44 9.04
N PRO A 40 4.10 18.21 7.97
CA PRO A 40 3.98 17.64 6.63
C PRO A 40 5.31 17.32 5.95
N ALA A 41 5.28 16.37 5.03
CA ALA A 41 6.39 15.99 4.15
C ALA A 41 5.88 15.90 2.71
N SER A 42 6.72 16.23 1.76
CA SER A 42 6.41 16.17 0.32
C SER A 42 7.64 15.64 -0.43
N ILE A 43 7.42 14.72 -1.37
CA ILE A 43 8.53 14.16 -2.18
C ILE A 43 8.11 14.22 -3.62
N SER A 44 9.07 14.53 -4.47
CA SER A 44 8.89 14.63 -5.93
C SER A 44 9.36 13.33 -6.60
N CYS A 45 8.65 12.92 -7.64
CA CYS A 45 9.11 11.92 -8.61
C CYS A 45 8.76 12.38 -10.03
N LYS A 46 9.74 12.49 -10.89
CA LYS A 46 9.57 12.91 -12.31
C LYS A 46 10.00 11.77 -13.25
N SER A 47 9.18 11.48 -14.25
CA SER A 47 9.54 10.51 -15.33
C SER A 47 10.03 11.28 -16.56
N SER A 48 10.89 10.65 -17.33
CA SER A 48 11.48 11.18 -18.58
C SER A 48 10.43 11.11 -19.69
N GLN A 49 9.30 10.45 -19.47
CA GLN A 49 8.18 10.52 -20.45
C GLN A 49 6.89 10.18 -19.74
N SER A 50 5.79 10.43 -20.42
CA SER A 50 4.43 10.18 -19.90
C SER A 50 4.28 8.70 -19.54
N LEU A 51 3.63 8.43 -18.40
CA LEU A 51 3.37 7.07 -17.86
C LEU A 51 1.90 6.72 -18.10
N LEU A 52 1.15 7.52 -18.87
CA LEU A 52 -0.20 7.13 -19.32
C LEU A 52 -0.07 5.97 -20.29
N ASP A 53 -0.64 4.82 -19.94
CA ASP A 53 -0.60 3.59 -20.78
C ASP A 53 -1.74 3.66 -21.82
N SER A 54 -1.65 2.84 -22.85
CA SER A 54 -2.69 2.80 -23.91
C SER A 54 -3.98 2.22 -23.32
N ASP A 55 -3.92 1.46 -22.21
CA ASP A 55 -5.13 0.93 -21.56
C ASP A 55 -5.78 2.05 -20.74
N GLY A 56 -5.23 3.27 -20.71
CA GLY A 56 -5.81 4.43 -20.04
C GLY A 56 -5.38 4.58 -18.58
N LYS A 57 -4.67 3.62 -17.97
CA LYS A 57 -4.21 3.77 -16.57
C LYS A 57 -2.82 4.42 -16.55
N THR A 58 -2.44 5.02 -15.44
CA THR A 58 -1.09 5.56 -15.25
C THR A 58 -0.44 4.73 -14.14
N TYR A 59 0.50 3.87 -14.50
CA TYR A 59 1.17 2.91 -13.60
C TYR A 59 2.32 3.58 -12.85
N LEU A 60 1.94 4.44 -11.91
CA LEU A 60 2.98 5.11 -11.08
C LEU A 60 2.81 4.64 -9.64
N ASN A 61 3.88 4.12 -9.05
CA ASN A 61 3.79 3.39 -7.77
C ASN A 61 4.68 4.07 -6.74
N TRP A 62 4.31 3.99 -5.48
CA TRP A 62 5.23 4.36 -4.37
C TRP A 62 5.34 3.23 -3.36
N PHE A 63 6.51 3.01 -2.84
CA PHE A 63 6.68 2.16 -1.64
C PHE A 63 7.71 2.77 -0.69
N GLN A 64 7.71 2.20 0.51
CA GLN A 64 8.58 2.55 1.63
C GLN A 64 9.45 1.33 1.94
N GLN A 65 10.74 1.53 2.13
CA GLN A 65 11.64 0.46 2.54
C GLN A 65 12.41 0.91 3.79
N ARG A 66 12.17 0.25 4.90
CA ARG A 66 12.84 0.55 6.21
C ARG A 66 13.97 -0.46 6.37
N PRO A 67 15.14 -0.03 6.88
CA PRO A 67 16.38 -0.77 6.68
C PRO A 67 16.28 -2.27 7.06
N GLY A 68 16.92 -3.08 6.20
CA GLY A 68 16.93 -4.56 6.19
C GLY A 68 15.63 -5.18 5.69
N GLN A 69 14.64 -4.42 5.18
CA GLN A 69 13.25 -4.96 4.96
C GLN A 69 12.82 -5.07 3.50
N SER A 70 11.67 -5.75 3.39
CA SER A 70 10.79 -5.87 2.20
C SER A 70 10.02 -4.57 2.08
N PRO A 71 10.04 -3.96 0.87
CA PRO A 71 9.18 -2.85 0.55
C PRO A 71 7.81 -3.05 1.19
N ARG A 72 7.31 -1.94 1.66
CA ARG A 72 5.88 -1.78 2.00
C ARG A 72 5.20 -0.95 0.92
N ARG A 73 4.32 -1.59 0.19
CA ARG A 73 3.55 -0.93 -0.90
C ARG A 73 2.68 0.19 -0.31
N LEU A 74 2.69 1.40 -0.88
CA LEU A 74 1.92 2.55 -0.31
C LEU A 74 0.82 2.99 -1.26
N ILE A 75 1.23 3.28 -2.50
CA ILE A 75 0.40 3.93 -3.54
C ILE A 75 0.58 3.17 -4.86
N TYR A 76 -0.50 3.03 -5.60
CA TYR A 76 -0.48 2.52 -7.01
C TYR A 76 -1.45 3.38 -7.82
N LEU A 77 -1.29 3.38 -9.14
CA LEU A 77 -2.09 4.17 -10.09
C LEU A 77 -2.10 5.62 -9.61
N VAL A 78 -0.92 6.15 -9.31
CA VAL A 78 -0.67 7.57 -8.92
C VAL A 78 -1.20 7.94 -7.55
N SER A 79 -2.48 7.68 -7.26
CA SER A 79 -3.18 8.31 -6.12
C SER A 79 -3.94 7.29 -5.24
N LYS A 80 -3.95 6.01 -5.59
CA LYS A 80 -4.73 4.98 -4.84
C LYS A 80 -3.87 4.46 -3.67
N LEU A 81 -4.35 4.68 -2.45
CA LEU A 81 -3.74 4.12 -1.23
C LEU A 81 -3.93 2.60 -1.18
N ASP A 82 -2.87 1.87 -0.87
CA ASP A 82 -3.02 0.40 -0.67
C ASP A 82 -3.86 0.18 0.60
N SER A 83 -4.38 -1.02 0.74
CA SER A 83 -5.27 -1.43 1.86
CA SER A 83 -5.28 -1.38 1.86
C SER A 83 -4.54 -1.13 3.17
N GLY A 84 -5.18 -0.47 4.11
CA GLY A 84 -4.64 -0.25 5.46
C GLY A 84 -3.66 0.90 5.51
N VAL A 85 -3.24 1.44 4.36
CA VAL A 85 -2.22 2.53 4.42
C VAL A 85 -2.94 3.75 4.95
N PRO A 86 -2.40 4.46 5.96
CA PRO A 86 -3.14 5.54 6.62
C PRO A 86 -3.33 6.73 5.68
N ASP A 87 -4.44 7.45 5.85
CA ASP A 87 -4.87 8.50 4.90
C ASP A 87 -4.06 9.78 5.12
N ARG A 88 -3.07 9.81 6.00
CA ARG A 88 -2.08 10.91 6.01
C ARG A 88 -1.22 10.83 4.73
N PHE A 89 -1.13 9.66 4.09
CA PHE A 89 -0.44 9.51 2.78
C PHE A 89 -1.39 9.92 1.66
N SER A 90 -0.87 10.64 0.68
CA SER A 90 -1.60 10.93 -0.57
C SER A 90 -0.61 10.98 -1.75
N GLY A 91 -1.08 10.62 -2.94
CA GLY A 91 -0.27 10.76 -4.15
C GLY A 91 -1.00 11.56 -5.18
N SER A 92 -0.28 12.29 -6.01
CA SER A 92 -0.91 13.06 -7.08
C SER A 92 0.06 13.14 -8.26
N GLY A 93 -0.47 13.65 -9.37
CA GLY A 93 0.37 14.07 -10.49
C GLY A 93 -0.21 13.58 -11.78
N SER A 94 0.44 13.92 -12.88
CA SER A 94 0.08 13.37 -14.22
C SER A 94 1.29 13.44 -15.15
N GLY A 95 1.18 12.71 -16.26
CA GLY A 95 2.14 12.82 -17.37
C GLY A 95 3.51 12.46 -16.84
N THR A 96 4.31 13.46 -16.45
CA THR A 96 5.69 13.23 -15.96
C THR A 96 5.94 13.74 -14.55
N ASP A 97 5.01 14.38 -13.83
CA ASP A 97 5.33 15.02 -12.51
C ASP A 97 4.38 14.47 -11.43
N PHE A 98 4.96 13.74 -10.50
CA PHE A 98 4.26 13.05 -9.41
C PHE A 98 4.78 13.51 -8.05
N THR A 99 3.92 13.47 -7.06
CA THR A 99 4.22 13.91 -5.68
C THR A 99 3.60 12.91 -4.70
N LEU A 100 4.36 12.53 -3.69
CA LEU A 100 3.86 11.85 -2.49
C LEU A 100 3.84 12.85 -1.34
N LYS A 101 2.74 12.88 -0.61
CA LYS A 101 2.62 13.77 0.58
C LYS A 101 2.21 12.95 1.79
N ILE A 102 2.74 13.37 2.93
CA ILE A 102 2.33 12.91 4.28
C ILE A 102 1.88 14.16 5.03
N SER A 103 0.62 14.21 5.43
CA SER A 103 -0.01 15.43 6.02
C SER A 103 0.63 15.75 7.37
N ARG A 104 0.87 14.72 8.18
CA ARG A 104 1.48 14.78 9.54
C ARG A 104 2.36 13.56 9.78
N VAL A 105 3.66 13.75 9.77
CA VAL A 105 4.63 12.61 9.81
C VAL A 105 4.56 11.95 11.19
N GLU A 106 4.60 10.62 11.19
CA GLU A 106 4.69 9.76 12.40
C GLU A 106 6.03 9.03 12.33
N ALA A 107 6.47 8.44 13.46
CA ALA A 107 7.80 7.80 13.60
C ALA A 107 7.89 6.58 12.66
N GLU A 108 6.80 5.86 12.44
CA GLU A 108 6.82 4.66 11.57
C GLU A 108 6.95 5.05 10.09
N ASP A 109 6.92 6.35 9.77
CA ASP A 109 6.98 6.85 8.36
C ASP A 109 8.44 7.05 7.89
N VAL A 110 9.44 6.97 8.76
CA VAL A 110 10.86 7.05 8.33
C VAL A 110 11.22 5.84 7.48
N GLY A 111 12.14 6.02 6.56
CA GLY A 111 12.59 4.97 5.64
C GLY A 111 12.92 5.59 4.30
N VAL A 112 13.24 4.76 3.34
CA VAL A 112 13.52 5.25 1.97
C VAL A 112 12.25 5.03 1.13
N TYR A 113 11.83 6.09 0.47
CA TYR A 113 10.64 6.13 -0.42
C TYR A 113 11.12 6.00 -1.85
N TYR A 114 10.55 5.04 -2.56
CA TYR A 114 10.78 4.82 -4.00
C TYR A 114 9.49 5.09 -4.77
N CYS A 115 9.61 5.75 -5.89
CA CYS A 115 8.57 5.67 -6.96
C CYS A 115 9.05 4.69 -8.03
N TRP A 116 8.13 4.14 -8.81
CA TRP A 116 8.52 3.32 -9.95
C TRP A 116 7.37 3.26 -10.90
N GLN A 117 7.67 2.96 -12.15
CA GLN A 117 6.69 3.02 -13.25
C GLN A 117 6.48 1.62 -13.81
N GLY A 118 5.24 1.26 -14.04
CA GLY A 118 4.83 -0.03 -14.59
C GLY A 118 4.13 0.10 -15.94
N THR A 119 4.46 1.13 -16.72
CA THR A 119 3.86 1.35 -18.08
C THR A 119 4.81 0.83 -19.17
N HIS A 120 6.07 1.27 -19.07
CA HIS A 120 7.10 1.07 -20.11
C HIS A 120 8.01 -0.08 -19.74
N PHE A 121 8.71 -0.61 -20.75
CA PHE A 121 9.62 -1.76 -20.56
C PHE A 121 11.03 -1.31 -20.85
N PRO A 122 11.99 -1.55 -19.95
CA PRO A 122 11.75 -2.28 -18.70
C PRO A 122 11.03 -1.37 -17.68
N ARG A 123 10.42 -1.96 -16.66
CA ARG A 123 9.90 -1.20 -15.53
C ARG A 123 11.12 -0.61 -14.85
N THR A 124 11.00 0.59 -14.31
CA THR A 124 12.13 1.37 -13.76
C THR A 124 11.74 2.09 -12.49
N PHE A 125 12.72 2.19 -11.60
CA PHE A 125 12.60 2.73 -10.24
C PHE A 125 13.33 4.06 -10.13
N GLY A 126 12.81 4.94 -9.30
CA GLY A 126 13.58 6.11 -8.85
C GLY A 126 14.70 5.74 -7.90
N GLY A 127 15.60 6.67 -7.62
CA GLY A 127 16.79 6.41 -6.81
C GLY A 127 16.47 6.50 -5.33
N GLY A 128 15.25 6.86 -4.93
CA GLY A 128 14.90 6.83 -3.50
C GLY A 128 15.07 8.17 -2.84
N THR A 129 14.23 8.48 -1.86
CA THR A 129 14.31 9.69 -1.01
C THR A 129 14.33 9.19 0.42
N LYS A 130 15.37 9.49 1.16
CA LYS A 130 15.47 9.03 2.57
C LYS A 130 14.66 9.99 3.48
N VAL A 131 13.61 9.52 4.12
CA VAL A 131 12.87 10.34 5.12
C VAL A 131 13.45 9.96 6.49
N GLU A 132 13.99 10.93 7.20
CA GLU A 132 14.64 10.73 8.52
C GLU A 132 14.14 11.80 9.48
N ILE A 133 14.29 11.52 10.77
CA ILE A 133 13.90 12.42 11.87
C ILE A 133 14.89 13.57 11.94
N LYS A 134 14.37 14.78 11.83
CA LYS A 134 15.19 15.99 12.02
C LYS A 134 15.42 16.21 13.53
N ARG A 135 16.65 16.52 13.90
CA ARG A 135 16.97 16.92 15.29
C ARG A 135 18.02 18.01 15.25
N THR A 136 18.45 18.46 16.43
CA THR A 136 19.46 19.52 16.48
C THR A 136 20.77 18.94 15.97
N VAL A 137 21.57 19.82 15.38
CA VAL A 137 22.94 19.53 14.94
C VAL A 137 23.78 19.02 16.12
N ALA A 138 24.51 17.94 15.89
CA ALA A 138 25.34 17.31 16.94
C ALA A 138 26.65 16.95 16.27
N ALA A 139 27.73 17.49 16.79
CA ALA A 139 29.09 17.19 16.27
C ALA A 139 29.44 15.75 16.62
N PRO A 140 30.25 15.04 15.80
CA PRO A 140 30.73 13.70 16.17
C PRO A 140 31.76 13.84 17.31
N SER A 141 31.73 12.89 18.21
CA SER A 141 32.92 12.51 19.02
C SER A 141 33.82 11.64 18.13
N VAL A 142 35.09 12.02 17.99
CA VAL A 142 35.98 11.35 17.04
C VAL A 142 37.08 10.61 17.83
N PHE A 143 37.33 9.39 17.42
CA PHE A 143 38.37 8.50 18.02
C PHE A 143 39.20 7.86 16.90
N ILE A 144 40.51 7.72 17.13
CA ILE A 144 41.37 7.02 16.16
C ILE A 144 41.97 5.81 16.90
N PHE A 145 42.02 4.68 16.23
CA PHE A 145 42.57 3.46 16.83
C PHE A 145 43.73 2.93 15.99
N PRO A 146 44.90 2.78 16.62
CA PRO A 146 46.04 2.26 15.89
C PRO A 146 45.81 0.77 15.64
N PRO A 147 46.59 0.19 14.72
CA PRO A 147 46.58 -1.24 14.47
C PRO A 147 47.12 -1.91 15.72
N SER A 148 46.61 -3.09 15.94
CA SER A 148 47.07 -3.98 17.01
C SER A 148 48.38 -4.69 16.61
N ASP A 149 49.20 -4.96 17.62
CA ASP A 149 50.46 -5.73 17.51
C ASP A 149 50.10 -7.10 16.93
N GLU A 150 48.95 -7.63 17.35
CA GLU A 150 48.46 -8.96 16.92
C GLU A 150 48.27 -8.94 15.39
N GLN A 151 47.61 -7.93 14.87
CA GLN A 151 47.36 -7.87 13.41
C GLN A 151 48.68 -7.60 12.66
N LEU A 152 49.54 -6.75 13.21
CA LEU A 152 50.82 -6.40 12.54
C LEU A 152 51.66 -7.68 12.34
N LYS A 153 51.62 -8.60 13.30
CA LYS A 153 52.31 -9.92 13.19
C LYS A 153 51.94 -10.64 11.89
N SER A 154 50.70 -10.48 11.40
CA SER A 154 50.15 -11.14 10.18
C SER A 154 50.52 -10.39 8.88
N GLY A 155 51.13 -9.21 8.94
CA GLY A 155 51.61 -8.49 7.74
C GLY A 155 50.68 -7.38 7.22
N THR A 156 49.64 -7.00 7.96
CA THR A 156 48.70 -5.90 7.60
C THR A 156 48.48 -4.96 8.79
N ALA A 157 48.17 -3.70 8.52
CA ALA A 157 47.79 -2.66 9.51
C ALA A 157 46.45 -2.07 9.09
N SER A 158 45.46 -2.24 9.93
CA SER A 158 44.17 -1.55 9.82
C SER A 158 44.17 -0.41 10.84
N VAL A 159 43.93 0.78 10.36
CA VAL A 159 43.75 1.95 11.24
C VAL A 159 42.31 2.38 11.19
N VAL A 160 41.70 2.60 12.34
CA VAL A 160 40.24 2.83 12.34
C VAL A 160 39.97 4.21 12.93
N CYS A 161 39.01 4.88 12.34
CA CYS A 161 38.51 6.22 12.70
CA CYS A 161 38.53 6.19 12.82
C CYS A 161 37.01 6.09 12.98
N LEU A 162 36.57 6.38 14.20
CA LEU A 162 35.17 6.35 14.65
C LEU A 162 34.67 7.79 14.79
N LEU A 163 33.51 8.06 14.18
CA LEU A 163 32.73 9.30 14.39
C LEU A 163 31.43 8.88 15.05
N ASN A 164 31.27 9.25 16.30
CA ASN A 164 30.18 8.76 17.17
C ASN A 164 29.08 9.80 17.32
N ASN A 165 27.83 9.39 17.04
CA ASN A 165 26.59 10.09 17.49
C ASN A 165 26.55 11.53 16.96
N PHE A 166 26.50 11.69 15.65
CA PHE A 166 26.44 13.01 14.99
C PHE A 166 25.14 13.15 14.20
N TYR A 167 24.81 14.39 13.91
CA TYR A 167 23.64 14.76 13.08
C TYR A 167 23.95 16.13 12.49
N PRO A 168 23.69 16.40 11.18
CA PRO A 168 23.13 15.45 10.21
C PRO A 168 24.13 14.40 9.67
N ARG A 169 23.63 13.53 8.78
CA ARG A 169 24.35 12.32 8.26
C ARG A 169 25.58 12.74 7.45
N GLU A 170 25.56 13.92 6.83
CA GLU A 170 26.68 14.32 5.93
C GLU A 170 27.95 14.47 6.76
N ALA A 171 29.01 13.75 6.41
CA ALA A 171 30.29 13.80 7.15
C ALA A 171 31.41 13.40 6.19
N LYS A 172 32.56 13.99 6.37
CA LYS A 172 33.69 13.67 5.49
C LYS A 172 34.86 13.26 6.36
N VAL A 173 35.42 12.10 6.04
CA VAL A 173 36.67 11.60 6.66
C VAL A 173 37.79 11.68 5.62
N GLN A 174 38.91 12.24 6.00
CA GLN A 174 40.07 12.29 5.11
C GLN A 174 41.20 11.69 5.92
N TRP A 175 41.73 10.56 5.45
CA TRP A 175 42.95 9.93 6.02
C TRP A 175 44.19 10.65 5.49
N LYS A 176 45.18 10.83 6.34
CA LYS A 176 46.46 11.44 5.94
C LYS A 176 47.56 10.60 6.58
N VAL A 177 48.63 10.36 5.85
CA VAL A 177 49.76 9.56 6.34
C VAL A 177 50.96 10.42 6.08
N ASP A 178 51.70 10.82 7.11
CA ASP A 178 52.65 11.97 7.00
C ASP A 178 52.12 13.09 6.09
N ASN A 179 50.89 13.49 6.29
CA ASN A 179 50.24 14.63 5.58
C ASN A 179 49.88 14.38 4.12
N ALA A 180 50.17 13.21 3.54
CA ALA A 180 49.73 12.85 2.18
C ALA A 180 48.31 12.40 2.31
N LEU A 181 47.44 13.00 1.50
CA LEU A 181 46.02 12.62 1.46
C LEU A 181 45.95 11.21 0.89
N GLN A 182 45.22 10.33 1.58
CA GLN A 182 44.97 8.95 1.18
C GLN A 182 43.63 8.83 0.49
N SER A 183 43.58 8.00 -0.53
CA SER A 183 42.34 7.73 -1.29
C SER A 183 42.39 6.30 -1.83
N GLY A 184 41.27 5.60 -1.83
CA GLY A 184 41.20 4.23 -2.38
C GLY A 184 41.57 3.13 -1.40
N ASN A 185 42.20 3.47 -0.27
CA ASN A 185 42.72 2.44 0.66
C ASN A 185 41.94 2.51 1.96
N SER A 186 40.75 3.09 1.95
CA SER A 186 39.85 3.11 3.11
C SER A 186 38.48 2.69 2.64
N GLN A 187 37.71 2.19 3.58
CA GLN A 187 36.28 1.91 3.41
C GLN A 187 35.55 2.37 4.64
N GLU A 188 34.30 2.78 4.47
CA GLU A 188 33.55 3.26 5.63
C GLU A 188 32.14 2.73 5.54
N SER A 189 31.52 2.69 6.69
CA SER A 189 30.09 2.36 6.77
C SER A 189 29.46 3.17 7.90
N VAL A 190 28.13 3.22 7.87
CA VAL A 190 27.39 4.18 8.72
C VAL A 190 26.22 3.39 9.31
N THR A 191 25.86 3.67 10.55
CA THR A 191 24.70 3.05 11.19
C THR A 191 23.42 3.71 10.70
N GLU A 192 22.30 3.04 10.95
CA GLU A 192 20.99 3.66 10.74
C GLU A 192 20.76 4.68 11.86
N GLN A 193 19.87 5.61 11.63
CA GLN A 193 19.56 6.70 12.58
C GLN A 193 19.14 6.04 13.89
N ASP A 194 19.75 6.42 14.99
CA ASP A 194 19.46 5.83 16.32
C ASP A 194 18.00 6.06 16.71
N SER A 195 17.32 5.02 17.21
CA SER A 195 15.85 5.16 17.49
C SER A 195 15.63 6.05 18.71
N LYS A 196 16.63 6.21 19.57
CA LYS A 196 16.55 7.02 20.82
C LYS A 196 17.08 8.45 20.60
N ASP A 197 18.23 8.66 19.99
CA ASP A 197 18.75 10.05 19.90
C ASP A 197 18.85 10.57 18.47
N SER A 198 18.41 9.85 17.46
CA SER A 198 18.25 10.38 16.06
C SER A 198 19.62 10.74 15.49
N THR A 199 20.70 10.17 16.04
CA THR A 199 22.07 10.38 15.49
C THR A 199 22.50 9.20 14.61
N TYR A 200 23.59 9.43 13.89
CA TYR A 200 24.33 8.48 13.07
C TYR A 200 25.72 8.32 13.70
N SER A 201 26.30 7.17 13.44
CA SER A 201 27.73 6.93 13.71
C SER A 201 28.38 6.34 12.44
N LEU A 202 29.71 6.50 12.33
CA LEU A 202 30.46 6.22 11.12
C LEU A 202 31.78 5.59 11.54
N SER A 203 32.15 4.50 10.90
CA SER A 203 33.46 3.82 11.08
C SER A 203 34.19 3.83 9.73
N SER A 204 35.47 4.18 9.74
CA SER A 204 36.29 4.19 8.54
C SER A 204 37.57 3.42 8.82
N THR A 205 37.95 2.49 7.95
CA THR A 205 39.17 1.66 8.12
C THR A 205 40.14 2.02 7.00
N LEU A 206 41.34 2.44 7.37
CA LEU A 206 42.48 2.60 6.44
C LEU A 206 43.29 1.31 6.50
N THR A 207 43.58 0.70 5.35
CA THR A 207 44.36 -0.58 5.28
C THR A 207 45.67 -0.40 4.55
N LEU A 208 46.77 -0.76 5.20
CA LEU A 208 48.14 -0.71 4.62
C LEU A 208 48.80 -2.06 4.90
N SER A 209 49.80 -2.42 4.10
CA SER A 209 50.75 -3.53 4.44
C SER A 209 51.53 -3.08 5.69
N LYS A 210 51.98 -4.03 6.48
CA LYS A 210 52.91 -3.74 7.59
C LYS A 210 54.11 -2.94 7.05
N ALA A 211 54.68 -3.35 5.93
CA ALA A 211 55.88 -2.70 5.34
C ALA A 211 55.60 -1.21 5.11
N ASP A 212 54.46 -0.90 4.50
CA ASP A 212 54.12 0.53 4.26
C ASP A 212 53.88 1.30 5.56
N TYR A 213 53.10 0.71 6.46
CA TYR A 213 52.77 1.27 7.77
C TYR A 213 54.08 1.71 8.43
N GLU A 214 55.07 0.82 8.38
CA GLU A 214 56.35 0.98 9.13
C GLU A 214 57.25 2.02 8.46
N LYS A 215 56.94 2.48 7.25
CA LYS A 215 57.74 3.54 6.56
C LYS A 215 57.24 4.94 6.90
N HIS A 216 56.13 5.07 7.64
CA HIS A 216 55.48 6.38 7.88
C HIS A 216 55.27 6.59 9.37
N LYS A 217 55.06 7.82 9.76
CA LYS A 217 55.05 8.19 11.21
C LYS A 217 53.67 8.66 11.64
N VAL A 218 53.10 9.65 10.95
CA VAL A 218 51.90 10.37 11.45
C VAL A 218 50.69 9.84 10.72
N TYR A 219 49.77 9.29 11.49
CA TYR A 219 48.50 8.72 10.97
C TYR A 219 47.39 9.61 11.48
N ALA A 220 46.58 10.17 10.58
CA ALA A 220 45.61 11.20 10.98
C ALA A 220 44.31 10.95 10.22
N CYS A 221 43.25 11.08 10.98
CA CYS A 221 41.92 11.17 10.35
CA CYS A 221 41.85 11.12 10.51
C CYS A 221 41.33 12.55 10.65
N GLU A 222 40.99 13.22 9.54
CA GLU A 222 40.46 14.61 9.58
C GLU A 222 38.99 14.62 9.22
N VAL A 223 38.18 15.09 10.15
CA VAL A 223 36.70 14.99 10.08
C VAL A 223 36.13 16.37 9.81
N THR A 224 35.26 16.44 8.79
CA THR A 224 34.48 17.66 8.49
C THR A 224 33.02 17.32 8.69
N HIS A 225 32.37 18.10 9.52
CA HIS A 225 30.93 17.92 9.85
C HIS A 225 30.37 19.29 10.22
N GLN A 226 29.10 19.51 9.86
CA GLN A 226 28.39 20.78 10.11
C GLN A 226 28.46 21.18 11.58
N GLY A 227 28.49 20.25 12.52
CA GLY A 227 28.50 20.60 13.95
C GLY A 227 29.84 21.07 14.48
N LEU A 228 30.91 21.02 13.67
CA LEU A 228 32.26 21.49 14.10
C LEU A 228 32.47 22.88 13.51
N SER A 229 33.18 23.75 14.17
CA SER A 229 33.46 25.10 13.58
C SER A 229 34.53 24.96 12.50
N SER A 230 35.39 23.94 12.60
CA SER A 230 36.35 23.60 11.52
C SER A 230 36.73 22.12 11.63
N PRO A 231 37.43 21.57 10.61
CA PRO A 231 37.76 20.15 10.59
C PRO A 231 38.57 19.78 11.82
N VAL A 232 38.26 18.66 12.43
CA VAL A 232 39.01 18.20 13.63
C VAL A 232 39.88 17.01 13.22
N THR A 233 41.11 16.98 13.66
CA THR A 233 42.03 15.89 13.34
C THR A 233 42.35 15.10 14.60
N LYS A 234 42.21 13.79 14.55
CA LYS A 234 42.73 12.84 15.57
C LYS A 234 43.89 12.14 14.90
N SER A 235 44.99 11.98 15.60
CA SER A 235 46.21 11.46 14.98
C SER A 235 47.00 10.69 16.02
N PHE A 236 47.85 9.83 15.57
CA PHE A 236 48.88 9.24 16.46
C PHE A 236 50.17 9.15 15.66
N ASN A 237 51.27 9.01 16.38
CA ASN A 237 52.58 8.70 15.77
C ASN A 237 52.88 7.21 15.95
N ARG A 238 53.22 6.50 14.87
CA ARG A 238 53.41 5.04 14.93
C ARG A 238 54.43 4.74 16.03
N GLY A 239 54.12 3.82 16.94
CA GLY A 239 55.12 3.33 17.93
C GLY A 239 55.25 4.31 19.09
N GLU A 240 54.37 5.30 19.21
CA GLU A 240 54.44 6.29 20.30
C GLU A 240 53.09 6.35 20.97
N CYS A 241 53.14 6.45 22.27
CA CYS A 241 51.94 6.58 23.11
C CYS A 241 52.15 7.77 24.06
N VAL B 21 -1.66 -11.28 3.10
CA VAL B 21 -0.90 -11.89 2.03
C VAL B 21 0.56 -11.95 2.45
N GLN B 22 1.23 -13.06 2.18
CA GLN B 22 2.69 -13.18 2.38
C GLN B 22 3.32 -13.83 1.13
N LEU B 23 4.55 -13.39 0.79
CA LEU B 23 5.40 -14.08 -0.19
CA LEU B 23 5.41 -14.07 -0.21
C LEU B 23 6.64 -14.53 0.57
N VAL B 24 6.85 -15.84 0.63
CA VAL B 24 7.98 -16.41 1.41
C VAL B 24 9.01 -16.92 0.43
N GLN B 25 10.18 -16.30 0.45
CA GLN B 25 11.23 -16.63 -0.51
C GLN B 25 12.25 -17.58 0.11
N SER B 26 12.98 -18.29 -0.72
CA SER B 26 14.05 -19.24 -0.33
C SER B 26 15.21 -18.46 0.31
N GLY B 27 16.03 -19.17 1.07
CA GLY B 27 17.15 -18.59 1.84
C GLY B 27 18.30 -18.09 1.00
N ALA B 28 19.23 -17.41 1.68
CA ALA B 28 20.46 -16.84 1.08
C ALA B 28 21.24 -17.90 0.32
N GLU B 29 21.86 -17.49 -0.78
CA GLU B 29 22.64 -18.39 -1.67
C GLU B 29 24.02 -17.76 -1.82
N VAL B 30 25.04 -18.59 -1.82
CA VAL B 30 26.41 -18.22 -2.22
C VAL B 30 26.75 -19.04 -3.48
N LYS B 31 27.10 -18.36 -4.58
CA LYS B 31 27.39 -19.02 -5.86
C LYS B 31 28.73 -18.56 -6.41
N LYS B 32 29.40 -19.45 -7.10
CA LYS B 32 30.65 -19.09 -7.80
C LYS B 32 30.22 -18.37 -9.06
N PRO B 33 31.08 -17.47 -9.58
CA PRO B 33 30.87 -16.90 -10.90
C PRO B 33 30.71 -18.03 -11.96
N GLY B 34 29.73 -17.90 -12.85
CA GLY B 34 29.43 -18.88 -13.90
C GLY B 34 28.38 -19.89 -13.50
N ALA B 35 28.09 -19.96 -12.20
CA ALA B 35 27.08 -20.91 -11.66
C ALA B 35 25.69 -20.34 -11.90
N SER B 36 24.69 -21.09 -11.49
CA SER B 36 23.29 -20.63 -11.65
CA SER B 36 23.27 -20.71 -11.67
C SER B 36 22.59 -20.74 -10.29
N VAL B 37 21.53 -19.97 -10.14
CA VAL B 37 20.78 -19.94 -8.86
C VAL B 37 19.32 -20.01 -9.23
N LYS B 38 18.50 -20.68 -8.43
CA LYS B 38 17.05 -20.72 -8.68
C LYS B 38 16.35 -20.31 -7.38
N VAL B 39 15.71 -19.16 -7.37
CA VAL B 39 15.09 -18.58 -6.15
C VAL B 39 13.61 -18.92 -6.21
N SER B 40 13.00 -19.28 -5.09
CA SER B 40 11.56 -19.58 -5.05
C SER B 40 10.84 -18.52 -4.22
N CYS B 41 9.54 -18.41 -4.48
CA CYS B 41 8.64 -17.42 -3.90
C CYS B 41 7.30 -18.11 -3.66
N LYS B 42 7.01 -18.50 -2.44
CA LYS B 42 5.73 -19.19 -2.16
C LYS B 42 4.71 -18.14 -1.72
N ALA B 43 3.58 -18.06 -2.40
CA ALA B 43 2.56 -17.02 -2.15
C ALA B 43 1.47 -17.62 -1.27
N SER B 44 0.90 -16.82 -0.37
CA SER B 44 -0.32 -17.25 0.34
C SER B 44 -1.25 -16.05 0.52
N GLY B 45 -2.53 -16.36 0.74
CA GLY B 45 -3.51 -15.37 1.17
C GLY B 45 -4.24 -14.69 0.02
N TYR B 46 -4.10 -15.17 -1.21
CA TYR B 46 -4.80 -14.57 -2.38
C TYR B 46 -4.88 -15.61 -3.49
N THR B 47 -5.74 -15.32 -4.47
CA THR B 47 -5.91 -16.20 -5.65
C THR B 47 -4.67 -16.09 -6.53
N PHE B 48 -3.84 -17.11 -6.45
CA PHE B 48 -2.48 -17.10 -7.02
C PHE B 48 -2.53 -16.71 -8.48
N THR B 49 -3.48 -17.23 -9.27
CA THR B 49 -3.41 -17.03 -10.74
C THR B 49 -3.93 -15.66 -11.18
N ASN B 50 -4.45 -14.82 -10.28
CA ASN B 50 -5.07 -13.53 -10.67
C ASN B 50 -4.02 -12.43 -10.74
N TYR B 51 -2.75 -12.65 -10.39
CA TYR B 51 -1.82 -11.53 -10.17
C TYR B 51 -0.48 -11.85 -10.82
N TYR B 52 -0.05 -10.94 -11.68
CA TYR B 52 1.30 -11.01 -12.28
C TYR B 52 2.30 -10.95 -11.13
N ILE B 53 3.47 -11.58 -11.35
CA ILE B 53 4.54 -11.64 -10.35
C ILE B 53 5.78 -10.97 -10.98
N ASN B 54 6.13 -9.81 -10.47
CA ASN B 54 7.38 -9.07 -10.80
C ASN B 54 8.53 -9.62 -9.98
N TRP B 55 9.71 -9.66 -10.59
CA TRP B 55 11.00 -9.98 -9.94
C TRP B 55 11.86 -8.73 -10.05
N VAL B 56 12.39 -8.26 -8.95
CA VAL B 56 13.19 -7.00 -8.88
C VAL B 56 14.42 -7.30 -8.03
N ARG B 57 15.57 -6.77 -8.33
CA ARG B 57 16.76 -6.98 -7.47
C ARG B 57 17.26 -5.66 -6.94
N GLN B 58 18.04 -5.73 -5.86
CA GLN B 58 18.62 -4.54 -5.24
C GLN B 58 20.03 -4.89 -4.78
N ALA B 59 21.02 -4.30 -5.43
CA ALA B 59 22.41 -4.51 -5.03
C ALA B 59 22.60 -3.83 -3.68
N PRO B 60 23.57 -4.33 -2.86
CA PRO B 60 23.80 -3.74 -1.54
C PRO B 60 23.99 -2.23 -1.58
N GLY B 61 23.23 -1.45 -0.81
CA GLY B 61 23.35 0.02 -0.74
C GLY B 61 22.76 0.73 -1.96
N GLN B 62 22.11 0.01 -2.89
CA GLN B 62 21.78 0.56 -4.22
C GLN B 62 20.25 0.62 -4.35
N GLY B 63 19.80 1.14 -5.48
CA GLY B 63 18.38 1.07 -5.88
C GLY B 63 18.03 -0.28 -6.51
N LEU B 64 16.97 -0.26 -7.29
CA LEU B 64 16.28 -1.47 -7.75
C LEU B 64 16.30 -1.57 -9.26
N GLU B 65 16.35 -2.78 -9.71
CA GLU B 65 16.34 -3.14 -11.15
C GLU B 65 15.33 -4.26 -11.40
N TRP B 66 14.41 -4.00 -12.31
CA TRP B 66 13.37 -4.99 -12.71
C TRP B 66 14.01 -6.08 -13.56
N MET B 67 13.73 -7.33 -13.23
CA MET B 67 14.29 -8.53 -13.90
C MET B 67 13.28 -8.98 -14.96
N GLY B 68 11.99 -8.94 -14.61
CA GLY B 68 10.94 -9.49 -15.47
C GLY B 68 9.67 -9.82 -14.69
N VAL B 69 8.73 -10.43 -15.39
CA VAL B 69 7.38 -10.69 -14.87
C VAL B 69 6.89 -12.02 -15.44
N ILE B 70 6.03 -12.67 -14.68
CA ILE B 70 5.32 -13.84 -15.23
C ILE B 70 3.85 -13.67 -14.87
N ASN B 71 3.01 -14.03 -15.81
CA ASN B 71 1.56 -14.20 -15.62
C ASN B 71 1.31 -15.64 -15.21
N PRO B 72 0.95 -15.91 -13.94
CA PRO B 72 0.78 -17.28 -13.47
C PRO B 72 -0.45 -17.95 -14.07
N TYR B 73 -1.37 -17.18 -14.64
CA TYR B 73 -2.57 -17.77 -15.29
C TYR B 73 -2.19 -18.48 -16.60
N SER B 74 -1.44 -17.79 -17.49
CA SER B 74 -1.07 -18.27 -18.84
C SER B 74 0.32 -18.92 -18.87
N GLY B 75 1.16 -18.59 -17.91
CA GLY B 75 2.57 -18.97 -17.96
C GLY B 75 3.41 -17.96 -18.70
N GLY B 76 2.81 -16.99 -19.38
CA GLY B 76 3.54 -16.01 -20.20
C GLY B 76 4.52 -15.18 -19.39
N THR B 77 5.69 -14.90 -19.99
CA THR B 77 6.79 -14.18 -19.32
C THR B 77 7.19 -12.97 -20.17
N SER B 78 7.78 -11.96 -19.53
CA SER B 78 8.43 -10.81 -20.20
C SER B 78 9.70 -10.52 -19.43
N TYR B 79 10.85 -10.41 -20.09
CA TYR B 79 12.09 -10.21 -19.30
C TYR B 79 12.74 -8.88 -19.63
N ASN B 80 13.45 -8.29 -18.68
CA ASN B 80 14.43 -7.23 -18.99
C ASN B 80 15.44 -7.81 -20.01
N GLN B 81 15.62 -7.15 -21.15
CA GLN B 81 16.44 -7.70 -22.27
C GLN B 81 17.90 -7.76 -21.81
N LYS B 82 18.25 -7.04 -20.76
CA LYS B 82 19.59 -7.17 -20.16
C LYS B 82 19.90 -8.61 -19.71
N PHE B 83 18.92 -9.43 -19.36
CA PHE B 83 19.12 -10.80 -18.82
C PHE B 83 18.65 -11.88 -19.80
N LYS B 84 18.19 -11.46 -20.98
CA LYS B 84 17.66 -12.42 -22.01
C LYS B 84 18.73 -13.49 -22.22
N GLY B 85 18.33 -14.74 -22.14
CA GLY B 85 19.22 -15.87 -22.34
C GLY B 85 19.75 -16.35 -21.01
N ARG B 86 19.65 -15.59 -19.92
CA ARG B 86 20.25 -16.04 -18.62
C ARG B 86 19.18 -16.14 -17.54
N VAL B 87 17.94 -15.67 -17.76
CA VAL B 87 16.87 -15.61 -16.73
C VAL B 87 15.69 -16.43 -17.24
N THR B 88 15.12 -17.21 -16.34
CA THR B 88 13.93 -18.02 -16.64
C THR B 88 13.01 -17.84 -15.46
N MET B 89 11.75 -17.52 -15.71
CA MET B 89 10.74 -17.44 -14.64
C MET B 89 9.69 -18.49 -14.91
N THR B 90 9.28 -19.23 -13.88
CA THR B 90 8.24 -20.26 -13.98
C THR B 90 7.30 -20.10 -12.79
N VAL B 91 6.14 -20.74 -12.87
CA VAL B 91 5.33 -20.94 -11.63
C VAL B 91 4.98 -22.44 -11.54
N ASP B 92 4.72 -22.92 -10.33
CA ASP B 92 3.96 -24.17 -10.06
C ASP B 92 2.66 -23.71 -9.38
N THR B 93 1.57 -23.66 -10.13
CA THR B 93 0.27 -23.20 -9.58
C THR B 93 -0.23 -24.13 -8.47
N SER B 94 0.16 -25.39 -8.42
CA SER B 94 -0.49 -26.31 -7.45
C SER B 94 0.26 -26.19 -6.11
N THR B 95 1.39 -25.48 -6.04
CA THR B 95 2.03 -25.10 -4.75
C THR B 95 2.04 -23.57 -4.57
N SER B 96 1.40 -22.82 -5.44
CA SER B 96 1.42 -21.31 -5.42
C SER B 96 2.85 -20.80 -5.34
N THR B 97 3.80 -21.42 -6.05
CA THR B 97 5.24 -21.02 -6.00
C THR B 97 5.69 -20.45 -7.36
N ALA B 98 6.41 -19.36 -7.29
CA ALA B 98 7.10 -18.76 -8.45
C ALA B 98 8.58 -19.02 -8.28
N TYR B 99 9.25 -19.18 -9.42
CA TYR B 99 10.71 -19.39 -9.43
C TYR B 99 11.36 -18.43 -10.40
N MET B 100 12.55 -17.99 -10.04
CA MET B 100 13.43 -17.19 -10.92
CA MET B 100 13.42 -17.19 -10.91
C MET B 100 14.76 -17.93 -10.99
N GLU B 101 15.15 -18.35 -12.16
CA GLU B 101 16.49 -18.96 -12.36
C GLU B 101 17.34 -17.93 -13.11
N LEU B 102 18.52 -17.69 -12.61
CA LEU B 102 19.53 -16.80 -13.27
C LEU B 102 20.81 -17.61 -13.41
N SER B 103 21.35 -17.69 -14.65
CA SER B 103 22.54 -18.51 -14.96
C SER B 103 23.72 -17.59 -15.40
N SER B 104 24.87 -18.19 -15.64
CA SER B 104 26.13 -17.49 -15.99
C SER B 104 26.32 -16.32 -14.97
N LEU B 105 26.24 -16.61 -13.69
CA LEU B 105 26.25 -15.57 -12.63
C LEU B 105 27.57 -14.77 -12.68
N ARG B 106 27.45 -13.46 -12.43
CA ARG B 106 28.55 -12.48 -12.49
C ARG B 106 28.65 -11.81 -11.12
N SER B 107 29.84 -11.29 -10.76
CA SER B 107 30.00 -10.54 -9.49
C SER B 107 28.92 -9.48 -9.34
N GLU B 108 28.55 -8.78 -10.40
CA GLU B 108 27.57 -7.67 -10.27
C GLU B 108 26.17 -8.24 -10.03
N ASP B 109 25.96 -9.54 -10.11
CA ASP B 109 24.64 -10.16 -9.79
C ASP B 109 24.40 -10.27 -8.27
N THR B 110 25.40 -10.02 -7.44
CA THR B 110 25.23 -9.98 -5.97
C THR B 110 24.15 -8.94 -5.64
N ALA B 111 23.08 -9.36 -5.00
CA ALA B 111 21.91 -8.54 -4.81
C ALA B 111 20.91 -9.36 -4.01
N VAL B 112 20.01 -8.62 -3.43
CA VAL B 112 18.73 -9.19 -2.93
C VAL B 112 17.72 -9.25 -4.07
N TYR B 113 17.14 -10.44 -4.31
CA TYR B 113 16.15 -10.69 -5.36
C TYR B 113 14.80 -10.72 -4.66
N PHE B 114 13.81 -9.99 -5.18
CA PHE B 114 12.46 -9.92 -4.59
C PHE B 114 11.44 -10.41 -5.61
N CYS B 115 10.41 -11.08 -5.12
CA CYS B 115 9.15 -11.25 -5.88
C CYS B 115 8.12 -10.25 -5.35
N SER B 116 7.25 -9.74 -6.21
CA SER B 116 6.22 -8.73 -5.84
C SER B 116 4.96 -9.04 -6.65
N SER B 117 3.79 -9.18 -6.01
CA SER B 117 2.61 -9.62 -6.76
C SER B 117 1.27 -9.04 -6.34
N PRO B 118 1.10 -7.78 -5.90
CA PRO B 118 2.14 -6.75 -5.80
C PRO B 118 2.86 -6.62 -4.43
N TYR B 119 2.46 -7.44 -3.46
CA TYR B 119 3.13 -7.43 -2.13
C TYR B 119 4.47 -8.11 -2.36
N TRP B 120 5.43 -7.62 -1.60
CA TRP B 120 6.83 -8.01 -1.73
C TRP B 120 7.21 -9.13 -0.76
N GLY B 121 7.98 -10.09 -1.24
CA GLY B 121 8.67 -11.10 -0.43
C GLY B 121 9.73 -10.46 0.43
N GLN B 122 10.36 -11.24 1.31
CA GLN B 122 11.37 -10.71 2.25
C GLN B 122 12.69 -10.54 1.52
N GLY B 123 12.80 -11.08 0.31
CA GLY B 123 14.03 -11.00 -0.47
C GLY B 123 14.91 -12.21 -0.24
N THR B 124 15.71 -12.55 -1.24
CA THR B 124 16.74 -13.62 -1.19
C THR B 124 18.07 -12.98 -1.56
N LEU B 125 19.02 -12.97 -0.63
CA LEU B 125 20.40 -12.53 -0.94
C LEU B 125 21.04 -13.62 -1.77
N VAL B 126 21.61 -13.25 -2.91
CA VAL B 126 22.47 -14.11 -3.74
C VAL B 126 23.82 -13.43 -3.79
N THR B 127 24.82 -14.04 -3.18
CA THR B 127 26.20 -13.52 -3.19
C THR B 127 26.98 -14.31 -4.24
N VAL B 128 27.59 -13.63 -5.20
CA VAL B 128 28.37 -14.30 -6.28
C VAL B 128 29.84 -13.97 -6.04
N SER B 129 30.60 -15.01 -5.75
CA SER B 129 32.02 -14.82 -5.35
C SER B 129 32.81 -16.11 -5.50
N SER B 130 34.09 -16.00 -5.77
CA SER B 130 34.97 -17.18 -5.83
C SER B 130 35.62 -17.39 -4.45
N ALA B 131 35.31 -16.57 -3.46
CA ALA B 131 35.85 -16.77 -2.09
C ALA B 131 35.29 -18.07 -1.49
N SER B 132 36.10 -18.68 -0.64
CA SER B 132 35.76 -19.85 0.23
C SER B 132 35.31 -19.36 1.60
N THR B 133 34.50 -20.17 2.27
CA THR B 133 34.10 -19.98 3.68
C THR B 133 35.35 -19.76 4.51
N LYS B 134 35.34 -18.73 5.36
CA LYS B 134 36.50 -18.43 6.21
C LYS B 134 36.01 -17.64 7.43
N GLY B 135 36.42 -18.07 8.62
CA GLY B 135 36.12 -17.42 9.87
C GLY B 135 36.92 -16.14 10.04
N PRO B 136 36.38 -15.18 10.81
CA PRO B 136 37.04 -13.92 11.01
C PRO B 136 38.26 -14.02 11.95
N SER B 137 39.21 -13.09 11.78
CA SER B 137 40.15 -12.69 12.85
C SER B 137 39.51 -11.55 13.63
N VAL B 138 39.65 -11.53 14.94
CA VAL B 138 39.10 -10.44 15.79
C VAL B 138 40.23 -9.66 16.45
N PHE B 139 40.39 -8.39 16.07
CA PHE B 139 41.43 -7.48 16.59
C PHE B 139 40.83 -6.46 17.52
N PRO B 140 41.59 -5.97 18.51
CA PRO B 140 41.08 -4.98 19.42
C PRO B 140 41.17 -3.59 18.81
N LEU B 141 40.15 -2.80 19.10
CA LEU B 141 40.17 -1.33 18.89
C LEU B 141 40.26 -0.64 20.24
N ALA B 142 41.44 -0.13 20.58
CA ALA B 142 41.68 0.48 21.91
C ALA B 142 42.64 1.66 21.76
N PRO B 143 42.48 2.70 22.57
CA PRO B 143 43.46 3.79 22.60
C PRO B 143 44.76 3.18 23.12
N CYS B 144 45.89 3.76 22.77
CA CYS B 144 47.19 3.17 23.14
C CYS B 144 47.33 3.23 24.68
N SER B 145 46.68 4.21 25.33
CA SER B 145 46.73 4.46 26.81
C SER B 145 45.33 4.44 27.41
N ARG B 146 45.20 3.93 28.63
CA ARG B 146 43.98 4.10 29.43
C ARG B 146 43.85 5.57 29.84
N SER B 147 44.96 6.31 29.83
CA SER B 147 45.01 7.74 30.25
C SER B 147 44.33 8.58 29.19
N THR B 148 43.37 9.39 29.60
CA THR B 148 42.65 10.34 28.71
C THR B 148 42.17 11.54 29.55
N SER B 149 42.06 12.68 28.91
CA SER B 149 41.49 13.91 29.51
C SER B 149 39.97 13.88 29.35
N GLU B 150 39.44 12.91 28.61
CA GLU B 150 37.99 12.92 28.25
C GLU B 150 37.25 12.00 29.24
N SER B 151 36.00 12.31 29.54
CA SER B 151 35.17 11.54 30.50
C SER B 151 34.75 10.20 29.86
N THR B 152 34.69 10.12 28.54
CA THR B 152 34.36 8.83 27.87
C THR B 152 35.46 8.39 26.90
N ALA B 153 35.53 7.06 26.71
CA ALA B 153 36.52 6.41 25.85
C ALA B 153 35.78 5.44 24.95
N ALA B 154 36.27 5.29 23.75
CA ALA B 154 35.69 4.35 22.77
C ALA B 154 36.60 3.10 22.76
N LEU B 155 35.97 1.95 22.73
CA LEU B 155 36.63 0.63 22.56
C LEU B 155 35.90 -0.10 21.45
N GLY B 156 36.54 -1.12 20.92
CA GLY B 156 35.85 -1.90 19.89
C GLY B 156 36.56 -3.15 19.51
N CYS B 157 35.98 -3.79 18.49
CA CYS B 157 36.51 -5.04 17.88
CA CYS B 157 36.63 -4.96 17.89
C CYS B 157 36.43 -4.92 16.39
N LEU B 158 37.52 -5.19 15.72
CA LEU B 158 37.57 -5.23 14.26
C LEU B 158 37.47 -6.70 13.86
N VAL B 159 36.36 -7.08 13.26
CA VAL B 159 36.08 -8.48 12.84
C VAL B 159 36.40 -8.59 11.34
N LYS B 160 37.61 -9.08 11.04
CA LYS B 160 38.22 -8.91 9.72
C LYS B 160 38.31 -10.24 8.98
N ASP B 161 38.15 -10.18 7.65
CA ASP B 161 38.55 -11.23 6.69
C ASP B 161 37.69 -12.48 6.89
N TYR B 162 36.38 -12.34 6.78
CA TYR B 162 35.48 -13.49 6.82
C TYR B 162 34.64 -13.57 5.56
N PHE B 163 34.09 -14.74 5.31
CA PHE B 163 33.17 -14.97 4.17
C PHE B 163 32.35 -16.20 4.50
N PRO B 164 31.04 -16.28 4.20
CA PRO B 164 30.25 -15.18 3.69
C PRO B 164 29.68 -14.37 4.84
N GLU B 165 28.75 -13.47 4.56
CA GLU B 165 27.95 -12.79 5.61
C GLU B 165 27.06 -13.86 6.21
N PRO B 166 26.53 -13.66 7.43
CA PRO B 166 26.84 -12.52 8.28
C PRO B 166 27.71 -12.88 9.48
N VAL B 167 28.14 -11.87 10.24
CA VAL B 167 28.65 -12.11 11.62
C VAL B 167 27.69 -11.38 12.56
N THR B 168 27.60 -11.84 13.80
CA THR B 168 26.94 -11.09 14.90
C THR B 168 27.96 -10.79 15.99
N VAL B 169 27.76 -9.66 16.66
CA VAL B 169 28.64 -9.19 17.76
C VAL B 169 27.75 -8.81 18.94
N SER B 170 28.10 -9.24 20.13
CA SER B 170 27.53 -8.71 21.39
C SER B 170 28.70 -8.30 22.26
N TRP B 171 28.39 -7.58 23.31
CA TRP B 171 29.39 -7.10 24.28
C TRP B 171 29.00 -7.64 25.64
N ASN B 172 29.99 -8.16 26.32
CA ASN B 172 29.84 -8.72 27.67
C ASN B 172 28.64 -9.66 27.66
N SER B 173 28.58 -10.56 26.68
CA SER B 173 27.59 -11.65 26.58
C SER B 173 26.16 -11.05 26.53
N GLY B 174 25.98 -9.84 26.00
CA GLY B 174 24.64 -9.20 25.92
C GLY B 174 24.29 -8.31 27.10
N ALA B 175 25.07 -8.28 28.18
CA ALA B 175 24.87 -7.39 29.32
C ALA B 175 25.15 -5.93 28.93
N LEU B 176 25.98 -5.66 27.92
CA LEU B 176 26.36 -4.27 27.59
C LEU B 176 25.70 -3.91 26.26
N THR B 177 24.68 -3.06 26.29
CA THR B 177 23.96 -2.66 25.04
C THR B 177 23.99 -1.14 24.88
N SER B 178 24.03 -0.32 25.94
CA SER B 178 24.04 1.15 25.72
C SER B 178 25.41 1.62 25.22
N GLY B 179 25.38 2.53 24.29
CA GLY B 179 26.61 3.05 23.68
C GLY B 179 27.20 2.12 22.64
N VAL B 180 26.60 0.97 22.34
CA VAL B 180 27.16 0.04 21.33
C VAL B 180 26.73 0.47 19.92
N HIS B 181 27.68 0.48 19.02
CA HIS B 181 27.38 0.57 17.57
C HIS B 181 28.08 -0.57 16.82
N THR B 182 27.33 -1.43 16.20
CA THR B 182 27.85 -2.47 15.30
C THR B 182 27.58 -2.03 13.88
N PHE B 183 28.62 -1.84 13.11
CA PHE B 183 28.54 -1.28 11.76
C PHE B 183 28.23 -2.30 10.68
N PRO B 184 27.63 -1.87 9.55
CA PRO B 184 27.53 -2.74 8.38
C PRO B 184 28.92 -3.13 7.92
N ALA B 185 29.05 -4.40 7.49
CA ALA B 185 30.30 -4.91 6.92
C ALA B 185 30.60 -4.23 5.58
N VAL B 186 31.88 -4.16 5.26
CA VAL B 186 32.37 -3.75 3.93
C VAL B 186 32.99 -4.98 3.27
N LEU B 187 32.92 -5.03 1.95
CA LEU B 187 33.56 -6.08 1.12
C LEU B 187 34.90 -5.55 0.62
N GLN B 188 35.97 -6.14 1.09
CA GLN B 188 37.32 -5.70 0.70
C GLN B 188 37.71 -6.20 -0.70
N SER B 189 38.77 -5.66 -1.28
CA SER B 189 39.19 -6.07 -2.64
C SER B 189 39.73 -7.51 -2.59
N SER B 190 40.04 -8.08 -1.41
CA SER B 190 40.40 -9.51 -1.22
C SER B 190 39.19 -10.43 -1.45
N GLY B 191 37.99 -9.87 -1.50
CA GLY B 191 36.74 -10.63 -1.53
C GLY B 191 36.20 -11.12 -0.18
N LEU B 192 36.82 -10.70 0.91
CA LEU B 192 36.39 -10.97 2.30
C LEU B 192 35.80 -9.67 2.91
N TYR B 193 34.89 -9.89 3.83
CA TYR B 193 34.17 -8.84 4.58
C TYR B 193 34.99 -8.44 5.79
N SER B 194 34.73 -7.25 6.28
CA SER B 194 35.31 -6.73 7.54
C SER B 194 34.25 -5.83 8.17
N LEU B 195 34.04 -5.97 9.48
CA LEU B 195 33.00 -5.27 10.27
C LEU B 195 33.68 -4.74 11.52
N SER B 196 33.27 -3.60 12.01
CA SER B 196 33.70 -3.09 13.34
C SER B 196 32.48 -3.01 14.24
N SER B 197 32.72 -3.16 15.52
CA SER B 197 31.73 -2.98 16.57
C SER B 197 32.42 -2.18 17.67
N VAL B 198 31.80 -1.11 18.14
CA VAL B 198 32.41 -0.19 19.12
C VAL B 198 31.43 0.04 20.25
N VAL B 199 31.97 0.51 21.36
CA VAL B 199 31.14 0.90 22.50
C VAL B 199 31.83 2.09 23.15
N THR B 200 31.08 3.08 23.57
CA THR B 200 31.64 4.18 24.39
C THR B 200 31.34 3.88 25.86
N VAL B 201 32.34 4.06 26.69
CA VAL B 201 32.31 3.63 28.13
C VAL B 201 32.96 4.74 28.97
N PRO B 202 32.69 4.75 30.30
CA PRO B 202 33.32 5.73 31.17
C PRO B 202 34.84 5.53 31.22
N SER B 203 35.58 6.62 31.02
CA SER B 203 37.07 6.65 31.01
C SER B 203 37.62 6.09 32.33
N SER B 204 36.95 6.39 33.43
CA SER B 204 37.38 5.94 34.78
C SER B 204 37.26 4.40 34.88
N SER B 205 36.50 3.74 34.02
CA SER B 205 36.30 2.27 34.12
C SER B 205 37.47 1.49 33.45
N LEU B 206 38.33 2.16 32.67
CA LEU B 206 39.35 1.43 31.86
C LEU B 206 40.36 0.74 32.79
N GLY B 207 40.66 -0.54 32.56
CA GLY B 207 41.61 -1.29 33.41
C GLY B 207 41.00 -1.86 34.70
N THR B 208 39.73 -1.57 34.98
CA THR B 208 38.98 -2.11 36.14
C THR B 208 37.79 -2.91 35.61
N LYS B 209 36.91 -2.25 34.86
CA LYS B 209 35.82 -2.99 34.19
C LYS B 209 36.41 -3.70 32.97
N THR B 210 35.82 -4.83 32.60
CA THR B 210 36.26 -5.52 31.35
C THR B 210 35.23 -5.36 30.25
N TYR B 211 35.72 -5.35 29.03
CA TYR B 211 34.89 -5.19 27.81
C TYR B 211 35.31 -6.25 26.81
N THR B 212 34.42 -7.22 26.60
CA THR B 212 34.63 -8.39 25.74
C THR B 212 33.58 -8.35 24.64
N CYS B 213 34.03 -8.42 23.39
CA CYS B 213 33.11 -8.60 22.24
CA CYS B 213 33.13 -8.59 22.24
C CYS B 213 32.98 -10.10 21.97
N ASN B 214 31.74 -10.56 21.76
CA ASN B 214 31.42 -11.97 21.49
C ASN B 214 31.02 -12.08 20.03
N VAL B 215 31.86 -12.69 19.22
CA VAL B 215 31.68 -12.73 17.76
C VAL B 215 31.25 -14.13 17.34
N ASP B 216 30.20 -14.23 16.53
CA ASP B 216 29.73 -15.52 15.96
C ASP B 216 29.71 -15.42 14.45
N HIS B 217 30.33 -16.37 13.77
CA HIS B 217 30.23 -16.54 12.30
C HIS B 217 29.78 -17.97 12.08
N LYS B 218 28.46 -18.13 11.98
CA LYS B 218 27.91 -19.49 11.87
C LYS B 218 28.43 -20.28 10.68
N PRO B 219 28.62 -19.72 9.47
CA PRO B 219 29.03 -20.52 8.33
C PRO B 219 30.37 -21.22 8.49
N SER B 220 31.23 -20.67 9.35
CA SER B 220 32.55 -21.28 9.63
C SER B 220 32.59 -21.92 11.02
N ASN B 221 31.46 -21.98 11.72
CA ASN B 221 31.41 -22.52 13.10
C ASN B 221 32.41 -21.76 13.99
N THR B 222 32.55 -20.44 13.81
CA THR B 222 33.52 -19.66 14.59
C THR B 222 32.79 -18.94 15.73
N LYS B 223 33.28 -19.11 16.96
CA LYS B 223 32.83 -18.33 18.13
C LYS B 223 34.07 -17.79 18.80
N VAL B 224 34.13 -16.47 18.96
CA VAL B 224 35.31 -15.80 19.55
C VAL B 224 34.81 -14.80 20.59
N ASP B 225 35.54 -14.73 21.70
CA ASP B 225 35.39 -13.71 22.74
C ASP B 225 36.69 -12.92 22.82
N LYS B 226 36.66 -11.64 22.48
CA LYS B 226 37.86 -10.79 22.47
C LYS B 226 37.73 -9.76 23.61
N ARG B 227 38.60 -9.87 24.62
CA ARG B 227 38.69 -8.87 25.68
C ARG B 227 39.58 -7.74 25.14
N VAL B 228 39.13 -6.52 25.28
CA VAL B 228 39.75 -5.31 24.69
C VAL B 228 40.40 -4.45 25.78
N GLU B 229 41.75 -4.33 25.71
CA GLU B 229 42.53 -3.55 26.68
C GLU B 229 43.53 -2.72 25.90
N SER B 230 43.95 -1.63 26.51
CA SER B 230 45.01 -0.75 25.99
C SER B 230 46.38 -1.32 26.35
N LYS B 231 47.37 -1.06 25.51
CA LYS B 231 48.76 -1.50 25.71
C LYS B 231 49.32 -0.84 26.96
N TYR B 232 49.08 0.47 27.16
CA TYR B 232 49.65 1.21 28.31
C TYR B 232 48.59 1.75 29.25
N GLY B 233 49.06 1.96 30.48
CA GLY B 233 48.36 2.72 31.52
C GLY B 233 48.27 4.17 31.07
N GLY C 1 -10.94 4.93 -3.75
CA GLY C 1 -11.32 6.08 -4.61
C GLY C 1 -12.67 6.65 -4.21
N ALA C 2 -12.87 7.01 -2.94
CA ALA C 2 -14.14 7.61 -2.46
C ALA C 2 -14.36 8.87 -3.31
N VAL C 3 -15.59 9.14 -3.70
CA VAL C 3 -15.96 10.41 -4.40
C VAL C 3 -15.80 11.52 -3.37
N ASP C 4 -15.00 12.55 -3.67
CA ASP C 4 -14.73 13.71 -2.78
C ASP C 4 -16.04 14.44 -2.45
N ALA C 5 -16.28 14.67 -1.15
CA ALA C 5 -17.46 15.40 -0.61
C ALA C 5 -17.62 16.75 -1.32
N GLU C 6 -16.51 17.41 -1.66
CA GLU C 6 -16.55 18.75 -2.32
C GLU C 6 -17.36 18.64 -3.62
N ARG C 7 -17.32 17.49 -4.29
CA ARG C 7 -18.01 17.25 -5.59
C ARG C 7 -19.50 17.00 -5.36
N LEU C 8 -19.93 16.75 -4.13
CA LEU C 8 -21.32 16.33 -3.79
C LEU C 8 -22.12 17.45 -3.08
N LYS C 9 -21.54 18.64 -2.90
CA LYS C 9 -22.17 19.69 -2.05
C LYS C 9 -23.54 20.07 -2.63
N HIS C 10 -23.71 20.01 -3.93
CA HIS C 10 -24.99 20.30 -4.62
C HIS C 10 -26.06 19.26 -4.28
N LEU C 11 -25.72 18.14 -3.66
CA LEU C 11 -26.76 17.14 -3.33
C LEU C 11 -27.44 17.48 -2.00
N ILE C 12 -27.00 18.53 -1.30
CA ILE C 12 -27.65 18.94 -0.02
C ILE C 12 -28.76 19.92 -0.39
N VAL C 13 -29.97 19.39 -0.53
CA VAL C 13 -31.14 20.07 -1.17
C VAL C 13 -32.21 20.25 -0.11
N THR C 14 -32.85 21.42 -0.12
CA THR C 14 -34.05 21.68 0.70
C THR C 14 -35.23 21.08 -0.04
N PRO C 15 -35.90 20.05 0.48
CA PRO C 15 -37.03 19.48 -0.22
C PRO C 15 -38.25 20.40 -0.10
N SER C 16 -39.06 20.36 -1.14
CA SER C 16 -40.31 21.15 -1.15
C SER C 16 -41.22 20.56 -2.20
N GLY C 17 -42.46 21.07 -2.23
CA GLY C 17 -43.47 20.74 -3.27
C GLY C 17 -44.35 19.59 -2.85
N ALA C 18 -45.03 18.93 -3.79
CA ALA C 18 -46.08 17.93 -3.51
C ALA C 18 -45.45 16.54 -3.39
N GLY C 19 -46.29 15.50 -3.32
CA GLY C 19 -45.87 14.13 -2.92
C GLY C 19 -44.77 13.51 -3.81
N GLU C 20 -44.57 13.99 -5.04
CA GLU C 20 -43.47 13.51 -5.94
C GLU C 20 -42.28 14.45 -5.79
N GLN C 21 -42.53 15.73 -5.94
CA GLN C 21 -41.47 16.78 -5.94
C GLN C 21 -40.74 16.76 -4.60
N ASN C 22 -41.45 16.53 -3.49
CA ASN C 22 -40.81 16.48 -2.14
C ASN C 22 -39.79 15.34 -2.13
N MET C 23 -40.09 14.21 -2.77
CA MET C 23 -39.17 13.03 -2.79
C MET C 23 -38.00 13.29 -3.74
N ILE C 24 -38.24 14.00 -4.82
CA ILE C 24 -37.16 14.46 -5.73
C ILE C 24 -36.15 15.30 -4.95
N GLY C 25 -36.60 16.18 -4.06
CA GLY C 25 -35.67 16.90 -3.19
C GLY C 25 -35.07 16.05 -2.10
N MET C 26 -35.84 15.20 -1.42
CA MET C 26 -35.30 14.45 -0.27
C MET C 26 -34.19 13.46 -0.74
N THR C 27 -34.28 12.96 -1.98
CA THR C 27 -33.42 11.87 -2.53
C THR C 27 -31.94 12.25 -2.41
N PRO C 28 -31.51 13.37 -3.06
CA PRO C 28 -30.07 13.66 -3.08
C PRO C 28 -29.54 13.86 -1.64
N THR C 29 -30.31 14.48 -0.75
CA THR C 29 -29.82 14.81 0.62
C THR C 29 -29.63 13.52 1.41
N VAL C 30 -30.62 12.65 1.37
CA VAL C 30 -30.52 11.35 2.09
C VAL C 30 -29.30 10.58 1.59
N ILE C 31 -29.12 10.47 0.28
CA ILE C 31 -28.07 9.56 -0.25
C ILE C 31 -26.70 10.19 -0.06
N ALA C 32 -26.60 11.53 -0.08
CA ALA C 32 -25.34 12.24 0.19
C ALA C 32 -24.91 12.00 1.64
N VAL C 33 -25.83 12.13 2.59
CA VAL C 33 -25.45 11.88 4.00
C VAL C 33 -25.05 10.40 4.19
N HIS C 34 -25.81 9.49 3.62
CA HIS C 34 -25.49 8.03 3.62
C HIS C 34 -24.06 7.77 3.17
N TYR C 35 -23.71 8.41 2.08
CA TYR C 35 -22.44 8.14 1.37
C TYR C 35 -21.30 8.80 2.13
N LEU C 36 -21.49 10.05 2.58
CA LEU C 36 -20.44 10.78 3.37
C LEU C 36 -20.25 10.10 4.75
N ASP C 37 -21.30 9.52 5.34
CA ASP C 37 -21.15 8.70 6.57
C ASP C 37 -20.23 7.49 6.29
N GLU C 38 -20.56 6.69 5.28
CA GLU C 38 -19.87 5.40 5.02
C GLU C 38 -18.42 5.67 4.64
N THR C 39 -18.13 6.79 3.94
CA THR C 39 -16.75 7.13 3.47
C THR C 39 -16.04 8.03 4.48
N GLU C 40 -16.66 8.33 5.61
CA GLU C 40 -16.02 9.06 6.75
C GLU C 40 -15.42 10.41 6.27
N GLN C 41 -16.20 11.20 5.55
CA GLN C 41 -15.71 12.49 5.00
C GLN C 41 -16.20 13.70 5.78
N TRP C 42 -16.98 13.55 6.84
CA TRP C 42 -17.56 14.72 7.53
C TRP C 42 -16.48 15.53 8.25
N GLU C 43 -15.44 14.88 8.80
CA GLU C 43 -14.35 15.58 9.54
C GLU C 43 -13.69 16.56 8.56
N LYS C 44 -13.35 16.11 7.35
CA LYS C 44 -12.70 16.97 6.32
C LYS C 44 -13.73 17.96 5.75
N PHE C 45 -14.91 17.49 5.38
CA PHE C 45 -15.92 18.31 4.68
C PHE C 45 -16.50 19.38 5.60
N GLY C 46 -16.73 19.08 6.88
CA GLY C 46 -17.27 20.02 7.87
C GLY C 46 -18.29 19.33 8.73
N LEU C 47 -17.86 18.88 9.90
CA LEU C 47 -18.71 18.13 10.85
C LEU C 47 -20.02 18.89 11.04
N GLU C 48 -19.94 20.21 11.06
CA GLU C 48 -21.05 21.14 11.35
C GLU C 48 -22.04 21.13 10.18
N LYS C 49 -21.69 20.66 8.98
CA LYS C 49 -22.64 20.67 7.84
C LYS C 49 -23.56 19.46 7.93
N ARG C 50 -23.24 18.48 8.78
CA ARG C 50 -24.03 17.24 8.81
C ARG C 50 -25.35 17.52 9.53
N GLN C 51 -25.32 18.29 10.62
CA GLN C 51 -26.56 18.54 11.42
C GLN C 51 -27.59 19.24 10.49
N GLY C 52 -27.15 20.23 9.73
CA GLY C 52 -28.03 20.93 8.78
C GLY C 52 -28.64 19.97 7.76
N ALA C 53 -27.82 19.10 7.16
CA ALA C 53 -28.31 18.06 6.21
C ALA C 53 -29.38 17.20 6.92
N LEU C 54 -29.17 16.74 8.16
CA LEU C 54 -30.17 15.90 8.89
C LEU C 54 -31.47 16.68 9.05
N GLU C 55 -31.40 17.99 9.33
CA GLU C 55 -32.59 18.86 9.53
C GLU C 55 -33.40 18.83 8.24
N LEU C 56 -32.72 18.92 7.10
CA LEU C 56 -33.38 18.90 5.78
C LEU C 56 -34.00 17.53 5.50
N ILE C 57 -33.35 16.44 5.93
CA ILE C 57 -33.92 15.08 5.77
C ILE C 57 -35.16 15.01 6.66
N LYS C 58 -35.11 15.54 7.90
CA LYS C 58 -36.32 15.51 8.79
C LYS C 58 -37.47 16.30 8.13
N LYS C 59 -37.18 17.48 7.58
CA LYS C 59 -38.15 18.33 6.83
C LYS C 59 -38.77 17.53 5.69
N GLY C 60 -37.92 16.89 4.84
CA GLY C 60 -38.37 15.94 3.80
C GLY C 60 -39.37 14.94 4.33
N TYR C 61 -39.02 14.31 5.42
CA TYR C 61 -39.84 13.22 5.99
C TYR C 61 -41.19 13.79 6.45
N THR C 62 -41.18 14.85 7.24
CA THR C 62 -42.40 15.48 7.83
C THR C 62 -43.29 15.97 6.67
N GLN C 63 -42.68 16.57 5.67
CA GLN C 63 -43.45 17.05 4.49
C GLN C 63 -44.10 15.86 3.76
N GLN C 64 -43.39 14.77 3.60
CA GLN C 64 -43.90 13.60 2.82
C GLN C 64 -45.15 13.06 3.51
N LEU C 65 -45.19 13.10 4.82
CA LEU C 65 -46.35 12.54 5.57
C LEU C 65 -47.65 13.28 5.21
N ALA C 66 -47.63 14.54 4.75
CA ALA C 66 -48.86 15.25 4.29
C ALA C 66 -49.48 14.50 3.12
N PHE C 67 -48.72 13.62 2.45
CA PHE C 67 -49.14 12.89 1.23
C PHE C 67 -49.44 11.43 1.52
N ARG C 68 -49.31 11.04 2.77
CA ARG C 68 -49.67 9.68 3.24
C ARG C 68 -51.19 9.60 3.33
N GLN C 69 -51.80 8.69 2.57
CA GLN C 69 -53.28 8.55 2.53
C GLN C 69 -53.68 7.68 3.71
N PRO C 70 -54.97 7.65 4.08
CA PRO C 70 -55.41 6.73 5.10
C PRO C 70 -55.00 5.25 4.94
N SER C 71 -54.86 4.76 3.71
CA SER C 71 -54.45 3.36 3.34
C SER C 71 -52.99 3.08 3.69
N SER C 72 -52.24 4.14 3.99
CA SER C 72 -50.75 4.20 4.15
C SER C 72 -50.05 4.27 2.80
N ALA C 73 -50.76 4.43 1.67
CA ALA C 73 -50.09 4.61 0.35
C ALA C 73 -49.80 6.10 0.14
N PHE C 74 -49.00 6.40 -0.87
CA PHE C 74 -48.61 7.77 -1.25
C PHE C 74 -49.04 8.06 -2.68
N ALA C 75 -49.35 9.32 -2.90
CA ALA C 75 -49.54 9.90 -4.25
C ALA C 75 -49.05 11.36 -4.21
N ALA C 76 -48.98 12.01 -5.38
CA ALA C 76 -48.56 13.42 -5.45
C ALA C 76 -49.46 14.31 -4.60
N PHE C 77 -50.76 14.06 -4.64
CA PHE C 77 -51.77 14.90 -3.95
C PHE C 77 -52.67 13.98 -3.13
N VAL C 78 -53.28 14.51 -2.08
CA VAL C 78 -54.11 13.65 -1.19
C VAL C 78 -55.35 13.18 -1.94
N LYS C 79 -55.81 13.90 -2.95
CA LYS C 79 -57.01 13.33 -3.62
C LYS C 79 -56.65 12.53 -4.86
N ARG C 80 -55.36 12.32 -5.18
CA ARG C 80 -54.95 11.49 -6.34
C ARG C 80 -54.92 9.99 -5.95
N ALA C 81 -55.31 9.10 -6.87
CA ALA C 81 -55.19 7.64 -6.65
C ALA C 81 -53.71 7.34 -6.37
N PRO C 82 -53.48 6.48 -5.36
CA PRO C 82 -52.13 6.11 -4.92
C PRO C 82 -51.33 5.35 -5.98
N SER C 83 -50.04 5.67 -6.04
CA SER C 83 -49.05 5.11 -6.96
C SER C 83 -48.33 3.96 -6.23
N THR C 84 -48.33 2.80 -6.86
CA THR C 84 -47.57 1.62 -6.40
C THR C 84 -46.08 2.01 -6.41
N TRP C 85 -45.63 2.65 -7.48
CA TRP C 85 -44.19 3.01 -7.62
C TRP C 85 -43.81 4.03 -6.54
N LEU C 86 -44.59 5.11 -6.38
CA LEU C 86 -44.23 6.18 -5.41
C LEU C 86 -44.21 5.58 -4.02
N THR C 87 -45.17 4.75 -3.68
CA THR C 87 -45.22 4.15 -2.32
C THR C 87 -43.96 3.31 -2.10
N ALA C 88 -43.59 2.47 -3.06
CA ALA C 88 -42.40 1.59 -2.91
C ALA C 88 -41.13 2.48 -2.86
N TYR C 89 -41.13 3.61 -3.58
CA TYR C 89 -39.94 4.51 -3.57
C TYR C 89 -39.80 5.14 -2.19
N VAL C 90 -40.92 5.59 -1.63
CA VAL C 90 -40.96 6.12 -0.23
C VAL C 90 -40.40 5.06 0.73
N VAL C 91 -40.83 3.81 0.61
CA VAL C 91 -40.30 2.72 1.46
C VAL C 91 -38.78 2.61 1.27
N LYS C 92 -38.31 2.65 0.04
CA LYS C 92 -36.87 2.53 -0.31
C LYS C 92 -36.08 3.67 0.36
N VAL C 93 -36.51 4.93 0.21
CA VAL C 93 -35.74 6.08 0.78
C VAL C 93 -35.86 6.06 2.31
N PHE C 94 -37.05 5.83 2.87
CA PHE C 94 -37.22 5.85 4.35
C PHE C 94 -36.43 4.68 4.95
N SER C 95 -36.39 3.49 4.31
CA SER C 95 -35.67 2.32 4.87
C SER C 95 -34.17 2.67 5.03
N LEU C 96 -33.65 3.39 4.06
CA LEU C 96 -32.21 3.66 4.03
C LEU C 96 -31.94 4.77 5.06
N ALA C 97 -32.88 5.70 5.28
CA ALA C 97 -32.75 6.85 6.21
C ALA C 97 -32.88 6.48 7.71
N VAL C 98 -33.24 5.23 8.04
CA VAL C 98 -33.67 4.86 9.41
C VAL C 98 -32.56 5.15 10.42
N ASN C 99 -31.30 5.11 10.02
CA ASN C 99 -30.16 5.42 10.94
C ASN C 99 -29.86 6.93 10.92
N LEU C 100 -30.51 7.69 10.06
CA LEU C 100 -30.29 9.15 9.99
C LEU C 100 -31.28 9.92 10.84
N ILE C 101 -32.58 9.61 10.78
CA ILE C 101 -33.63 10.33 11.54
C ILE C 101 -34.60 9.27 12.05
N ALA C 102 -35.55 9.65 12.90
CA ALA C 102 -36.57 8.69 13.41
C ALA C 102 -37.62 8.49 12.32
N ILE C 103 -37.72 7.28 11.77
CA ILE C 103 -38.80 6.89 10.83
C ILE C 103 -39.91 6.16 11.61
N ASP C 104 -41.16 6.60 11.54
CA ASP C 104 -42.27 5.88 12.23
C ASP C 104 -42.48 4.51 11.57
N SER C 105 -42.39 3.43 12.35
CA SER C 105 -42.61 2.05 11.84
C SER C 105 -44.03 1.92 11.29
N GLN C 106 -44.99 2.67 11.83
CA GLN C 106 -46.40 2.59 11.37
C GLN C 106 -46.45 3.01 9.89
N VAL C 107 -45.69 4.06 9.58
CA VAL C 107 -45.63 4.65 8.22
C VAL C 107 -44.93 3.63 7.30
N LEU C 108 -43.75 3.16 7.67
CA LEU C 108 -42.94 2.28 6.80
C LEU C 108 -43.70 0.98 6.55
N CYS C 109 -44.12 0.32 7.63
CA CYS C 109 -44.70 -1.05 7.55
C CYS C 109 -46.15 -0.94 7.03
N GLY C 110 -46.84 0.19 7.26
CA GLY C 110 -48.15 0.46 6.64
C GLY C 110 -48.07 0.48 5.12
N ALA C 111 -47.07 1.15 4.56
CA ALA C 111 -46.90 1.23 3.09
C ALA C 111 -46.57 -0.17 2.56
N VAL C 112 -45.75 -0.92 3.28
CA VAL C 112 -45.33 -2.28 2.83
C VAL C 112 -46.59 -3.14 2.73
N LYS C 113 -47.40 -3.13 3.80
CA LYS C 113 -48.63 -3.95 3.91
C LYS C 113 -49.58 -3.59 2.76
N TRP C 114 -49.74 -2.29 2.49
CA TRP C 114 -50.63 -1.83 1.40
C TRP C 114 -50.10 -2.38 0.08
N LEU C 115 -48.81 -2.29 -0.20
CA LEU C 115 -48.29 -2.78 -1.49
C LEU C 115 -48.63 -4.28 -1.67
N ILE C 116 -48.44 -5.05 -0.62
CA ILE C 116 -48.63 -6.53 -0.64
C ILE C 116 -50.12 -6.83 -0.75
N LEU C 117 -50.97 -6.18 0.04
CA LEU C 117 -52.40 -6.58 0.14
C LEU C 117 -53.23 -5.98 -0.99
N GLU C 118 -52.80 -4.89 -1.64
CA GLU C 118 -53.60 -4.18 -2.68
C GLU C 118 -52.99 -4.29 -4.09
N LYS C 119 -51.67 -4.43 -4.24
CA LYS C 119 -51.04 -4.18 -5.56
C LYS C 119 -50.25 -5.40 -6.02
N GLN C 120 -50.33 -6.55 -5.34
CA GLN C 120 -49.60 -7.74 -5.79
C GLN C 120 -50.61 -8.72 -6.39
N LYS C 121 -50.42 -9.10 -7.62
CA LYS C 121 -51.33 -10.10 -8.23
C LYS C 121 -51.00 -11.48 -7.70
N PRO C 122 -51.94 -12.43 -7.86
CA PRO C 122 -51.71 -13.81 -7.45
C PRO C 122 -50.48 -14.49 -8.05
N ASP C 123 -49.98 -14.08 -9.21
CA ASP C 123 -48.69 -14.61 -9.77
C ASP C 123 -47.45 -13.89 -9.22
N GLY C 124 -47.57 -12.92 -8.30
CA GLY C 124 -46.43 -12.29 -7.61
C GLY C 124 -46.07 -10.93 -8.21
N VAL C 125 -46.69 -10.56 -9.35
CA VAL C 125 -46.46 -9.28 -10.06
C VAL C 125 -47.04 -8.13 -9.23
N PHE C 126 -46.31 -7.04 -9.15
CA PHE C 126 -46.78 -5.76 -8.58
C PHE C 126 -47.28 -4.88 -9.73
N GLN C 127 -48.47 -4.35 -9.56
CA GLN C 127 -49.14 -3.55 -10.60
C GLN C 127 -49.21 -2.10 -10.14
N GLU C 128 -48.93 -1.20 -11.06
CA GLU C 128 -49.16 0.24 -10.92
C GLU C 128 -50.53 0.56 -11.52
N ASP C 129 -51.45 1.09 -10.71
CA ASP C 129 -52.76 1.57 -11.21
C ASP C 129 -52.80 3.10 -11.39
N ALA C 130 -51.86 3.85 -10.82
CA ALA C 130 -51.87 5.32 -10.95
C ALA C 130 -50.43 5.80 -11.08
N PRO C 131 -49.89 5.80 -12.32
CA PRO C 131 -48.51 6.20 -12.59
C PRO C 131 -48.22 7.59 -12.02
N VAL C 132 -46.98 7.82 -11.64
CA VAL C 132 -46.57 9.16 -11.17
C VAL C 132 -46.65 10.14 -12.34
N ILE C 133 -46.90 11.40 -11.99
CA ILE C 133 -46.89 12.54 -12.95
C ILE C 133 -45.46 12.72 -13.43
N HIS C 134 -44.52 12.83 -12.50
CA HIS C 134 -43.10 13.07 -12.84
C HIS C 134 -42.46 11.76 -13.32
N GLN C 135 -42.69 11.37 -14.58
CA GLN C 135 -42.18 10.10 -15.12
C GLN C 135 -40.64 10.13 -15.15
N GLU C 136 -40.03 11.30 -15.09
CA GLU C 136 -38.56 11.42 -15.16
C GLU C 136 -37.96 10.97 -13.83
N MET C 137 -38.75 10.79 -12.75
CA MET C 137 -38.15 10.46 -11.43
C MET C 137 -37.99 8.93 -11.27
N ILE C 138 -38.45 8.10 -12.21
CA ILE C 138 -38.45 6.61 -12.10
C ILE C 138 -37.36 5.94 -12.92
N GLY C 139 -36.44 6.73 -13.44
CA GLY C 139 -35.33 6.23 -14.23
C GLY C 139 -35.76 5.31 -15.35
N GLY C 140 -35.03 4.20 -15.47
CA GLY C 140 -35.12 3.26 -16.60
C GLY C 140 -36.43 2.50 -16.61
N LEU C 141 -37.25 2.61 -15.56
CA LEU C 141 -38.62 2.00 -15.56
C LEU C 141 -39.53 2.71 -16.56
N ARG C 142 -39.15 3.92 -16.98
CA ARG C 142 -39.98 4.71 -17.91
C ARG C 142 -40.07 4.02 -19.29
N ASN C 143 -39.12 3.17 -19.66
CA ASN C 143 -39.21 2.24 -20.84
C ASN C 143 -40.47 1.36 -20.80
N ASN C 144 -41.15 1.16 -21.94
CA ASN C 144 -42.42 0.40 -22.17
CA ASN C 144 -42.43 0.39 -21.85
C ASN C 144 -42.23 -1.13 -22.06
N ASN C 145 -41.02 -1.64 -22.24
CA ASN C 145 -40.81 -3.12 -22.35
C ASN C 145 -40.40 -3.64 -20.98
N GLU C 146 -40.89 -4.82 -20.69
CA GLU C 146 -40.53 -5.65 -19.52
C GLU C 146 -41.03 -4.91 -18.28
N LYS C 147 -42.20 -4.27 -18.36
CA LYS C 147 -42.78 -3.44 -17.27
CA LYS C 147 -42.73 -3.44 -17.26
C LYS C 147 -43.03 -4.33 -16.05
N ASP C 148 -43.65 -5.49 -16.26
CA ASP C 148 -44.06 -6.37 -15.13
C ASP C 148 -42.81 -6.80 -14.34
N MET C 149 -41.78 -7.22 -15.05
CA MET C 149 -40.50 -7.66 -14.46
C MET C 149 -39.82 -6.45 -13.76
N ALA C 150 -39.73 -5.31 -14.45
CA ALA C 150 -38.95 -4.16 -13.93
C ALA C 150 -39.63 -3.59 -12.69
N LEU C 151 -40.96 -3.48 -12.69
CA LEU C 151 -41.67 -2.89 -11.53
C LEU C 151 -41.73 -3.94 -10.42
N THR C 152 -41.88 -5.24 -10.75
CA THR C 152 -41.91 -6.27 -9.68
C THR C 152 -40.54 -6.23 -8.99
N ALA C 153 -39.48 -6.12 -9.77
CA ALA C 153 -38.11 -6.07 -9.18
C ALA C 153 -38.00 -4.81 -8.31
N PHE C 154 -38.38 -3.67 -8.83
CA PHE C 154 -38.28 -2.40 -8.06
C PHE C 154 -39.00 -2.55 -6.72
N VAL C 155 -40.25 -3.01 -6.75
CA VAL C 155 -41.03 -3.14 -5.49
C VAL C 155 -40.42 -4.19 -4.56
N LEU C 156 -40.01 -5.34 -5.09
CA LEU C 156 -39.40 -6.42 -4.30
C LEU C 156 -38.16 -5.86 -3.61
N ILE C 157 -37.39 -5.02 -4.30
CA ILE C 157 -36.15 -4.47 -3.68
C ILE C 157 -36.52 -3.58 -2.48
N SER C 158 -37.59 -2.79 -2.58
CA SER C 158 -38.05 -1.95 -1.45
C SER C 158 -38.52 -2.87 -0.31
N LEU C 159 -39.24 -3.96 -0.60
CA LEU C 159 -39.74 -4.88 0.46
C LEU C 159 -38.52 -5.51 1.20
N GLN C 160 -37.50 -5.87 0.43
CA GLN C 160 -36.31 -6.59 0.97
CA GLN C 160 -36.26 -6.55 0.91
C GLN C 160 -35.54 -5.57 1.83
N GLU C 161 -35.43 -4.33 1.39
CA GLU C 161 -34.77 -3.24 2.14
C GLU C 161 -35.60 -2.87 3.39
N ALA C 162 -36.92 -3.08 3.46
CA ALA C 162 -37.74 -2.79 4.67
C ALA C 162 -37.85 -4.01 5.60
N LYS C 163 -37.42 -5.20 5.16
CA LYS C 163 -37.77 -6.51 5.80
C LYS C 163 -37.34 -6.55 7.28
N ASP C 164 -36.15 -6.05 7.60
CA ASP C 164 -35.58 -6.04 8.97
C ASP C 164 -36.57 -5.36 9.92
N ILE C 165 -37.08 -4.19 9.55
CA ILE C 165 -38.07 -3.43 10.36
C ILE C 165 -39.45 -4.08 10.31
N CYS C 166 -39.92 -4.48 9.13
CA CYS C 166 -41.37 -4.71 8.86
C CYS C 166 -41.73 -6.19 8.93
N GLU C 167 -40.76 -7.10 8.89
CA GLU C 167 -41.08 -8.54 8.95
C GLU C 167 -41.87 -8.79 10.23
N GLU C 168 -41.36 -8.31 11.36
CA GLU C 168 -41.99 -8.60 12.66
C GLU C 168 -43.31 -7.83 12.82
N GLN C 169 -43.72 -7.01 11.83
CA GLN C 169 -45.01 -6.24 11.86
C GLN C 169 -45.98 -6.67 10.76
N VAL C 170 -45.52 -7.27 9.65
CA VAL C 170 -46.38 -7.57 8.48
C VAL C 170 -46.22 -9.05 8.15
N ASN C 171 -47.14 -9.88 8.60
CA ASN C 171 -46.92 -11.35 8.50
CA ASN C 171 -47.09 -11.37 8.52
C ASN C 171 -47.07 -11.81 7.04
N SER C 172 -47.76 -11.05 6.16
CA SER C 172 -47.82 -11.31 4.69
C SER C 172 -46.46 -11.09 3.97
N LEU C 173 -45.44 -10.52 4.61
CA LEU C 173 -44.25 -10.02 3.88
C LEU C 173 -43.39 -11.17 3.36
N PRO C 174 -42.96 -12.16 4.17
CA PRO C 174 -42.13 -13.22 3.61
C PRO C 174 -42.76 -13.92 2.41
N GLY C 175 -44.09 -14.14 2.42
CA GLY C 175 -44.83 -14.81 1.32
C GLY C 175 -44.88 -13.98 0.06
N SER C 176 -45.02 -12.66 0.22
CA SER C 176 -45.02 -11.66 -0.87
C SER C 176 -43.64 -11.68 -1.55
N ILE C 177 -42.59 -11.69 -0.76
CA ILE C 177 -41.20 -11.71 -1.29
C ILE C 177 -40.99 -13.01 -2.08
N THR C 178 -41.37 -14.16 -1.53
CA THR C 178 -41.27 -15.46 -2.20
C THR C 178 -42.04 -15.42 -3.53
N LYS C 179 -43.25 -14.89 -3.53
CA LYS C 179 -44.09 -14.95 -4.76
C LYS C 179 -43.49 -14.03 -5.82
N ALA C 180 -43.03 -12.87 -5.39
CA ALA C 180 -42.38 -11.90 -6.30
C ALA C 180 -41.09 -12.52 -6.85
N GLY C 181 -40.31 -13.18 -6.01
CA GLY C 181 -39.07 -13.86 -6.46
C GLY C 181 -39.40 -14.94 -7.46
N ASP C 182 -40.51 -15.65 -7.27
CA ASP C 182 -40.91 -16.80 -8.12
C ASP C 182 -41.17 -16.27 -9.51
N PHE C 183 -41.89 -15.17 -9.61
CA PHE C 183 -42.20 -14.59 -10.91
C PHE C 183 -40.93 -14.13 -11.62
N LEU C 184 -40.08 -13.39 -10.90
CA LEU C 184 -38.81 -12.89 -11.49
C LEU C 184 -37.97 -14.10 -11.97
N GLU C 185 -37.81 -15.11 -11.13
CA GLU C 185 -36.95 -16.30 -11.41
C GLU C 185 -37.48 -17.00 -12.67
N ALA C 186 -38.79 -17.15 -12.77
CA ALA C 186 -39.47 -17.92 -13.83
C ALA C 186 -39.34 -17.19 -15.17
N ASN C 187 -39.10 -15.89 -15.17
CA ASN C 187 -39.17 -15.10 -16.43
C ASN C 187 -37.81 -14.46 -16.74
N TYR C 188 -36.81 -14.64 -15.89
CA TYR C 188 -35.53 -13.89 -15.99
C TYR C 188 -34.81 -14.19 -17.30
N MET C 189 -34.83 -15.46 -17.74
CA MET C 189 -33.98 -15.91 -18.88
C MET C 189 -34.53 -15.31 -20.18
N ASN C 190 -35.79 -14.93 -20.19
CA ASN C 190 -36.42 -14.27 -21.37
C ASN C 190 -36.17 -12.77 -21.43
N LEU C 191 -35.54 -12.17 -20.43
CA LEU C 191 -35.29 -10.68 -20.46
C LEU C 191 -34.37 -10.30 -21.65
N GLN C 192 -34.62 -9.17 -22.32
CA GLN C 192 -33.78 -8.62 -23.43
C GLN C 192 -33.03 -7.33 -23.00
N ARG C 193 -33.54 -6.54 -22.08
CA ARG C 193 -32.93 -5.23 -21.78
C ARG C 193 -31.91 -5.38 -20.65
N SER C 194 -30.73 -4.76 -20.78
CA SER C 194 -29.71 -4.81 -19.70
C SER C 194 -30.28 -4.19 -18.42
N TYR C 195 -31.12 -3.16 -18.56
CA TYR C 195 -31.68 -2.47 -17.40
C TYR C 195 -32.44 -3.51 -16.56
N THR C 196 -33.40 -4.22 -17.16
CA THR C 196 -34.19 -5.22 -16.41
C THR C 196 -33.30 -6.36 -15.91
N VAL C 197 -32.33 -6.84 -16.69
CA VAL C 197 -31.37 -7.88 -16.24
C VAL C 197 -30.72 -7.37 -14.94
N ALA C 198 -30.37 -6.09 -14.88
CA ALA C 198 -29.66 -5.59 -13.70
C ALA C 198 -30.57 -5.51 -12.48
N ILE C 199 -31.74 -4.88 -12.62
CA ILE C 199 -32.59 -4.60 -11.44
C ILE C 199 -33.21 -5.91 -10.95
N ALA C 200 -33.71 -6.77 -11.85
CA ALA C 200 -34.20 -8.13 -11.50
C ALA C 200 -33.03 -8.97 -10.97
N GLY C 201 -31.81 -8.77 -11.49
CA GLY C 201 -30.60 -9.44 -10.98
C GLY C 201 -30.34 -9.12 -9.51
N TYR C 202 -30.40 -7.85 -9.12
CA TYR C 202 -30.18 -7.46 -7.72
C TYR C 202 -31.30 -8.06 -6.88
N ALA C 203 -32.54 -7.92 -7.33
CA ALA C 203 -33.69 -8.46 -6.55
C ALA C 203 -33.50 -9.97 -6.28
N LEU C 204 -33.16 -10.75 -7.29
CA LEU C 204 -32.92 -12.19 -7.11
C LEU C 204 -31.68 -12.45 -6.23
N ALA C 205 -30.58 -11.74 -6.44
CA ALA C 205 -29.35 -11.89 -5.64
C ALA C 205 -29.63 -11.68 -4.15
N GLN C 206 -30.52 -10.77 -3.79
CA GLN C 206 -30.85 -10.49 -2.37
C GLN C 206 -31.44 -11.75 -1.75
N MET C 207 -32.04 -12.60 -2.55
CA MET C 207 -32.74 -13.82 -2.07
C MET C 207 -31.90 -15.07 -2.34
N GLY C 208 -30.73 -14.94 -2.94
CA GLY C 208 -29.85 -16.09 -3.24
C GLY C 208 -30.32 -16.88 -4.43
N ARG C 209 -31.12 -16.26 -5.30
CA ARG C 209 -31.77 -16.94 -6.44
C ARG C 209 -31.06 -16.57 -7.75
N LEU C 210 -30.07 -15.69 -7.71
CA LEU C 210 -29.32 -15.39 -8.96
C LEU C 210 -28.19 -16.42 -9.06
N LYS C 211 -28.48 -17.54 -9.69
CA LYS C 211 -27.61 -18.74 -9.67
C LYS C 211 -27.71 -19.43 -11.03
N GLY C 212 -26.76 -20.34 -11.30
CA GLY C 212 -26.81 -21.20 -12.49
C GLY C 212 -26.95 -20.37 -13.78
N PRO C 213 -27.92 -20.73 -14.65
CA PRO C 213 -28.10 -20.01 -15.92
C PRO C 213 -28.46 -18.51 -15.77
N LEU C 214 -29.18 -18.18 -14.70
CA LEU C 214 -29.64 -16.78 -14.44
C LEU C 214 -28.44 -15.91 -14.10
N LEU C 215 -27.55 -16.44 -13.26
CA LEU C 215 -26.30 -15.76 -12.91
C LEU C 215 -25.47 -15.60 -14.19
N ASN C 216 -25.38 -16.64 -15.02
CA ASN C 216 -24.54 -16.55 -16.26
C ASN C 216 -25.12 -15.47 -17.19
N LYS C 217 -26.43 -15.38 -17.30
CA LYS C 217 -27.08 -14.36 -18.13
C LYS C 217 -26.76 -12.97 -17.56
N PHE C 218 -26.89 -12.79 -16.25
CA PHE C 218 -26.61 -11.51 -15.57
C PHE C 218 -25.19 -11.09 -15.96
N LEU C 219 -24.23 -12.00 -15.75
CA LEU C 219 -22.80 -11.63 -15.90
C LEU C 219 -22.46 -11.40 -17.37
N THR C 220 -22.94 -12.25 -18.26
CA THR C 220 -22.59 -12.15 -19.72
C THR C 220 -23.35 -11.00 -20.38
N THR C 221 -24.35 -10.40 -19.70
CA THR C 221 -25.06 -9.20 -20.24
C THR C 221 -24.15 -7.96 -20.14
N ALA C 222 -23.19 -7.91 -19.21
CA ALA C 222 -22.30 -6.74 -19.01
C ALA C 222 -21.47 -6.56 -20.27
N LYS C 223 -21.24 -5.32 -20.70
CA LYS C 223 -20.30 -5.04 -21.83
C LYS C 223 -18.89 -4.92 -21.24
N ASP C 224 -17.90 -5.60 -21.84
CA ASP C 224 -16.48 -5.48 -21.42
C ASP C 224 -16.37 -5.77 -19.92
N LYS C 225 -17.34 -6.54 -19.39
CA LYS C 225 -17.40 -6.91 -17.96
C LYS C 225 -17.36 -5.67 -17.05
N ASN C 226 -17.84 -4.50 -17.49
CA ASN C 226 -17.74 -3.34 -16.58
C ASN C 226 -19.05 -2.55 -16.48
N ARG C 227 -20.06 -2.83 -17.31
CA ARG C 227 -21.27 -2.00 -17.31
C ARG C 227 -22.43 -2.73 -17.96
N TRP C 228 -23.63 -2.36 -17.54
CA TRP C 228 -24.89 -2.90 -18.10
C TRP C 228 -25.50 -1.72 -18.82
N GLU C 229 -25.65 -1.81 -20.14
CA GLU C 229 -26.12 -0.60 -20.85
C GLU C 229 -27.10 -1.02 -21.94
N ASP C 230 -28.08 -0.16 -22.18
CA ASP C 230 -28.97 -0.25 -23.35
C ASP C 230 -28.70 0.99 -24.20
N PRO C 231 -29.10 0.95 -25.48
CA PRO C 231 -28.82 2.07 -26.38
C PRO C 231 -29.81 3.22 -26.25
N GLY C 232 -29.78 3.93 -25.14
CA GLY C 232 -30.64 5.10 -24.90
C GLY C 232 -29.97 6.12 -24.02
N LYS C 233 -30.76 6.67 -23.11
CA LYS C 233 -30.31 7.75 -22.20
C LYS C 233 -29.23 7.16 -21.26
N GLN C 234 -28.12 7.86 -21.10
CA GLN C 234 -26.96 7.40 -20.30
C GLN C 234 -27.34 7.31 -18.82
N LEU C 235 -28.23 8.18 -18.30
CA LEU C 235 -28.71 8.08 -16.89
C LEU C 235 -29.21 6.66 -16.64
N TYR C 236 -29.86 6.01 -17.60
CA TYR C 236 -30.49 4.69 -17.35
C TYR C 236 -29.41 3.63 -17.16
N ASN C 237 -28.29 3.82 -17.85
CA ASN C 237 -27.18 2.84 -17.84
C ASN C 237 -26.37 3.04 -16.55
N VAL C 238 -26.22 4.28 -16.08
CA VAL C 238 -25.60 4.55 -14.74
C VAL C 238 -26.43 3.86 -13.64
N GLU C 239 -27.75 3.95 -13.76
CA GLU C 239 -28.67 3.29 -12.81
C GLU C 239 -28.53 1.77 -12.91
N ALA C 240 -28.63 1.23 -14.11
CA ALA C 240 -28.55 -0.21 -14.40
C ALA C 240 -27.28 -0.76 -13.75
N THR C 241 -26.18 -0.07 -14.00
CA THR C 241 -24.86 -0.57 -13.59
C THR C 241 -24.76 -0.48 -12.06
N SER C 242 -25.45 0.49 -11.41
CA SER C 242 -25.45 0.62 -9.95
C SER C 242 -26.20 -0.58 -9.37
N TYR C 243 -27.37 -0.91 -9.91
CA TYR C 243 -28.12 -2.12 -9.49
C TYR C 243 -27.25 -3.37 -9.71
N ALA C 244 -26.49 -3.44 -10.80
CA ALA C 244 -25.62 -4.58 -11.11
C ALA C 244 -24.51 -4.63 -10.05
N LEU C 245 -23.95 -3.49 -9.65
CA LEU C 245 -22.91 -3.48 -8.61
C LEU C 245 -23.51 -4.02 -7.30
N LEU C 246 -24.68 -3.54 -6.90
CA LEU C 246 -25.38 -4.05 -5.69
C LEU C 246 -25.56 -5.56 -5.81
N ALA C 247 -25.92 -6.06 -6.99
CA ALA C 247 -26.08 -7.53 -7.14
C ALA C 247 -24.73 -8.22 -6.95
N LEU C 248 -23.66 -7.71 -7.58
CA LEU C 248 -22.31 -8.33 -7.44
C LEU C 248 -21.91 -8.42 -5.98
N LEU C 249 -22.18 -7.37 -5.22
CA LEU C 249 -21.80 -7.34 -3.78
C LEU C 249 -22.69 -8.32 -3.02
N GLN C 250 -23.98 -8.44 -3.35
CA GLN C 250 -24.82 -9.51 -2.75
C GLN C 250 -24.25 -10.90 -3.09
N LEU C 251 -23.77 -11.11 -4.31
CA LEU C 251 -23.23 -12.40 -4.79
C LEU C 251 -21.86 -12.66 -4.14
N LYS C 252 -21.27 -11.65 -3.52
CA LYS C 252 -19.84 -11.68 -3.04
C LYS C 252 -18.88 -12.03 -4.21
N ASP C 253 -19.16 -11.55 -5.43
CA ASP C 253 -18.30 -11.71 -6.63
C ASP C 253 -17.26 -10.58 -6.66
N PHE C 254 -16.36 -10.57 -5.69
CA PHE C 254 -15.52 -9.39 -5.40
C PHE C 254 -14.54 -9.15 -6.57
N ASP C 255 -14.11 -10.20 -7.24
CA ASP C 255 -13.19 -10.07 -8.42
C ASP C 255 -13.87 -9.41 -9.60
N PHE C 256 -15.22 -9.46 -9.72
CA PHE C 256 -15.90 -8.85 -10.87
C PHE C 256 -16.19 -7.37 -10.58
N VAL C 257 -16.07 -6.95 -9.32
CA VAL C 257 -16.52 -5.60 -8.84
C VAL C 257 -15.63 -4.47 -9.35
N PRO C 258 -14.29 -4.51 -9.16
CA PRO C 258 -13.44 -3.35 -9.43
C PRO C 258 -13.60 -2.78 -10.81
N PRO C 259 -13.69 -3.55 -11.93
CA PRO C 259 -13.87 -2.91 -13.24
C PRO C 259 -15.20 -2.13 -13.39
N VAL C 260 -16.22 -2.59 -12.67
CA VAL C 260 -17.55 -1.92 -12.67
C VAL C 260 -17.45 -0.61 -11.87
N VAL C 261 -16.78 -0.60 -10.74
CA VAL C 261 -16.54 0.65 -9.97
C VAL C 261 -15.70 1.63 -10.78
N ARG C 262 -14.62 1.15 -11.43
CA ARG C 262 -13.81 2.01 -12.33
C ARG C 262 -14.72 2.64 -13.39
N TRP C 263 -15.57 1.86 -14.05
CA TRP C 263 -16.42 2.45 -15.10
C TRP C 263 -17.36 3.48 -14.49
N LEU C 264 -17.97 3.20 -13.34
CA LEU C 264 -18.85 4.22 -12.69
C LEU C 264 -18.06 5.49 -12.35
N ASN C 265 -16.84 5.36 -11.80
CA ASN C 265 -15.99 6.54 -11.45
C ASN C 265 -15.70 7.34 -12.73
N GLU C 266 -15.52 6.65 -13.86
CA GLU C 266 -15.11 7.33 -15.11
C GLU C 266 -16.29 8.07 -15.73
N GLN C 267 -17.52 7.75 -15.37
CA GLN C 267 -18.69 8.54 -15.84
C GLN C 267 -18.68 9.91 -15.15
N ARG C 268 -17.98 10.08 -14.03
CA ARG C 268 -17.89 11.39 -13.31
C ARG C 268 -19.30 11.94 -13.14
N TYR C 269 -20.19 11.10 -12.66
CA TYR C 269 -21.62 11.39 -12.48
C TYR C 269 -21.79 11.72 -11.01
N TYR C 270 -22.12 12.98 -10.70
CA TYR C 270 -22.18 13.44 -9.28
C TYR C 270 -23.65 13.68 -8.87
N GLY C 271 -24.60 13.24 -9.68
CA GLY C 271 -26.03 13.33 -9.36
C GLY C 271 -26.59 14.72 -9.54
N GLY C 272 -27.91 14.86 -9.38
CA GLY C 272 -28.60 16.13 -9.61
C GLY C 272 -28.91 16.32 -11.09
N GLY C 273 -29.81 17.23 -11.39
CA GLY C 273 -30.20 17.45 -12.79
C GLY C 273 -31.55 16.83 -13.05
N TYR C 274 -32.10 17.19 -14.21
CA TYR C 274 -33.45 16.78 -14.64
C TYR C 274 -33.44 15.27 -14.78
N GLY C 275 -34.40 14.59 -14.18
CA GLY C 275 -34.55 13.14 -14.39
C GLY C 275 -33.44 12.37 -13.69
N SER C 276 -32.78 12.97 -12.69
CA SER C 276 -31.60 12.39 -12.00
C SER C 276 -31.96 11.50 -10.80
N THR C 277 -33.22 11.41 -10.40
CA THR C 277 -33.58 10.85 -9.08
C THR C 277 -33.02 9.43 -8.95
N GLN C 278 -33.35 8.53 -9.86
CA GLN C 278 -32.94 7.11 -9.66
C GLN C 278 -31.42 6.98 -9.79
N ALA C 279 -30.82 7.63 -10.80
CA ALA C 279 -29.35 7.52 -10.95
C ALA C 279 -28.64 8.04 -9.71
N THR C 280 -29.08 9.16 -9.17
CA THR C 280 -28.47 9.76 -7.99
C THR C 280 -28.59 8.81 -6.80
N PHE C 281 -29.78 8.36 -6.48
CA PHE C 281 -29.98 7.46 -5.35
C PHE C 281 -29.17 6.17 -5.56
N MET C 282 -29.27 5.54 -6.75
CA MET C 282 -28.68 4.19 -6.96
C MET C 282 -27.15 4.29 -7.03
N VAL C 283 -26.59 5.30 -7.69
CA VAL C 283 -25.10 5.34 -7.81
C VAL C 283 -24.47 5.47 -6.42
N PHE C 284 -25.01 6.33 -5.56
CA PHE C 284 -24.43 6.54 -4.21
C PHE C 284 -24.86 5.41 -3.30
N GLN C 285 -26.04 4.79 -3.47
CA GLN C 285 -26.32 3.56 -2.68
C GLN C 285 -25.30 2.49 -3.01
N ALA C 286 -25.02 2.26 -4.31
CA ALA C 286 -24.15 1.15 -4.75
C ALA C 286 -22.70 1.45 -4.35
N LEU C 287 -22.24 2.70 -4.52
CA LEU C 287 -20.84 3.01 -4.14
C LEU C 287 -20.72 2.98 -2.63
N ALA C 288 -21.76 3.34 -1.85
CA ALA C 288 -21.64 3.29 -0.37
C ALA C 288 -21.51 1.80 0.02
N GLN C 289 -22.32 0.94 -0.62
CA GLN C 289 -22.29 -0.50 -0.29
C GLN C 289 -20.90 -1.09 -0.62
N TYR C 290 -20.36 -0.69 -1.75
CA TYR C 290 -18.99 -1.07 -2.17
C TYR C 290 -17.96 -0.68 -1.08
N GLN C 291 -18.08 0.54 -0.57
CA GLN C 291 -17.16 1.11 0.45
C GLN C 291 -17.27 0.29 1.71
N LYS C 292 -18.47 -0.17 2.01
CA LYS C 292 -18.76 -0.98 3.21
C LYS C 292 -18.19 -2.40 3.04
N ASP C 293 -18.39 -3.03 1.88
CA ASP C 293 -18.21 -4.49 1.66
C ASP C 293 -16.83 -4.87 1.08
N ALA C 294 -16.22 -4.06 0.23
CA ALA C 294 -15.01 -4.44 -0.53
C ALA C 294 -14.22 -3.22 -1.02
N PRO C 295 -13.90 -2.25 -0.13
N PRO C 295 -13.93 -2.27 -0.10
CA PRO C 295 -13.40 -0.93 -0.55
CA PRO C 295 -13.29 -1.00 -0.47
C PRO C 295 -12.03 -0.92 -1.24
C PRO C 295 -11.87 -1.25 -0.98
N ASP C 296 -11.17 -1.85 -0.88
N ASP C 296 -11.50 -0.51 -2.02
CA ASP C 296 -9.77 -1.86 -1.37
CA ASP C 296 -10.26 -0.59 -2.82
C ASP C 296 -9.48 -3.20 -2.08
C ASP C 296 -9.89 -2.03 -3.17
N HIS C 297 -10.46 -4.10 -2.26
N HIS C 297 -10.85 -2.96 -3.32
CA HIS C 297 -10.32 -5.28 -3.18
CA HIS C 297 -10.56 -4.40 -3.63
C HIS C 297 -9.76 -4.80 -4.55
C HIS C 297 -9.63 -4.45 -4.85
N GLN C 298 -8.56 -5.31 -4.89
CA GLN C 298 -7.85 -5.31 -6.17
C GLN C 298 -7.86 -6.71 -6.78
N GLU C 299 -8.33 -6.86 -7.99
CA GLU C 299 -8.58 -8.22 -8.54
C GLU C 299 -7.38 -8.75 -9.33
N LEU C 300 -6.41 -7.88 -9.63
CA LEU C 300 -5.14 -8.27 -10.30
C LEU C 300 -4.05 -7.30 -9.85
N ASN C 301 -2.83 -7.43 -10.39
CA ASN C 301 -1.68 -6.64 -9.91
C ASN C 301 -1.76 -5.27 -10.57
N LEU C 302 -2.17 -4.23 -9.89
CA LEU C 302 -2.35 -2.91 -10.54
C LEU C 302 -1.08 -2.05 -10.41
N ASP C 303 0.04 -2.63 -10.03
CA ASP C 303 1.33 -1.93 -10.13
C ASP C 303 1.76 -1.80 -11.60
N VAL C 304 1.39 -2.77 -12.43
CA VAL C 304 1.93 -2.87 -13.81
C VAL C 304 0.79 -3.15 -14.80
N SER C 305 1.04 -2.81 -16.05
CA SER C 305 0.13 -3.14 -17.18
C SER C 305 0.07 -4.64 -17.41
N LEU C 306 -0.86 -5.08 -18.27
CA LEU C 306 -1.03 -6.52 -18.56
C LEU C 306 -0.13 -6.98 -19.70
N GLN C 307 0.64 -6.07 -20.29
CA GLN C 307 1.50 -6.39 -21.46
C GLN C 307 2.60 -7.37 -21.05
N LEU C 308 2.91 -8.31 -21.93
CA LEU C 308 4.03 -9.27 -21.79
C LEU C 308 4.83 -9.34 -23.09
N PRO C 309 5.57 -8.28 -23.43
CA PRO C 309 6.38 -8.32 -24.64
C PRO C 309 7.45 -9.40 -24.52
N SER C 310 7.60 -10.19 -25.58
CA SER C 310 8.48 -11.39 -25.56
C SER C 310 9.28 -11.33 -26.85
N ARG C 311 10.39 -10.57 -26.83
CA ARG C 311 11.20 -10.15 -28.01
C ARG C 311 12.40 -11.10 -28.12
#